data_1ERP
#
_entry.id   1ERP
#
_cell.length_a   1.000
_cell.length_b   1.000
_cell.length_c   1.000
_cell.angle_alpha   90.00
_cell.angle_beta   90.00
_cell.angle_gamma   90.00
#
_symmetry.space_group_name_H-M   'P 1'
#
_entity_poly.entity_id   1
_entity_poly.type   'polypeptide(L)'
_entity_poly.pdbx_seq_one_letter_code
;DLCEQSALQCNEQGCHNFCSPEDKPGCLGMVWNPELCP
;
_entity_poly.pdbx_strand_id   A
#
# COMPACT_ATOMS: atom_id res chain seq x y z
N ASP A 1 9.50 1.98 5.72
CA ASP A 1 9.77 3.33 5.22
C ASP A 1 8.51 3.88 4.57
N LEU A 2 8.55 4.86 3.66
CA LEU A 2 7.37 5.46 3.05
C LEU A 2 6.49 4.37 2.42
N CYS A 3 7.12 3.39 1.78
CA CYS A 3 6.43 2.25 1.19
C CYS A 3 5.65 1.46 2.24
N GLU A 4 6.36 0.88 3.21
CA GLU A 4 5.73 0.18 4.32
C GLU A 4 4.62 1.04 4.92
N GLN A 5 4.94 2.29 5.25
CA GLN A 5 3.98 3.24 5.78
C GLN A 5 2.72 3.28 4.93
N SER A 6 2.82 3.30 3.61
CA SER A 6 1.63 3.29 2.77
C SER A 6 0.80 2.01 2.90
N ALA A 7 1.42 0.89 3.26
CA ALA A 7 0.68 -0.34 3.57
C ALA A 7 0.03 -0.21 4.94
N LEU A 8 0.82 0.16 5.93
CA LEU A 8 0.48 0.17 7.34
C LEU A 8 -0.60 1.22 7.64
N GLN A 9 -0.45 2.43 7.10
CA GLN A 9 -1.38 3.54 7.29
C GLN A 9 -2.47 3.53 6.22
N CYS A 10 -2.47 2.58 5.28
CA CYS A 10 -3.53 2.48 4.28
C CYS A 10 -3.56 3.73 3.40
N ASN A 11 -2.57 3.83 2.51
CA ASN A 11 -2.38 4.95 1.61
C ASN A 11 -2.18 4.41 0.21
N GLU A 12 -3.28 4.20 -0.53
CA GLU A 12 -3.27 3.86 -1.94
C GLU A 12 -2.23 4.71 -2.71
N GLN A 13 -2.15 6.00 -2.39
CA GLN A 13 -1.35 6.95 -3.14
C GLN A 13 0.09 6.52 -2.98
N GLY A 14 0.50 6.45 -1.73
CA GLY A 14 1.81 5.98 -1.32
C GLY A 14 2.14 4.61 -1.92
N CYS A 15 1.18 3.68 -1.91
CA CYS A 15 1.36 2.37 -2.53
C CYS A 15 1.70 2.44 -4.02
N HIS A 16 1.34 3.51 -4.72
CA HIS A 16 1.80 3.75 -6.10
C HIS A 16 3.02 4.67 -6.15
N ASN A 17 3.11 5.63 -5.24
CA ASN A 17 4.00 6.78 -5.33
C ASN A 17 5.34 6.47 -4.65
N PHE A 18 5.25 5.92 -3.45
CA PHE A 18 6.37 5.58 -2.59
C PHE A 18 6.83 4.16 -2.86
N CYS A 19 5.92 3.18 -2.86
CA CYS A 19 6.30 1.80 -3.13
C CYS A 19 6.73 1.66 -4.59
N SER A 20 7.64 0.71 -4.83
CA SER A 20 8.11 0.39 -6.17
C SER A 20 6.99 -0.32 -6.93
N PRO A 21 7.09 -0.49 -8.26
CA PRO A 21 6.14 -1.30 -8.99
C PRO A 21 6.06 -2.76 -8.51
N GLU A 22 7.11 -3.26 -7.84
CA GLU A 22 7.13 -4.64 -7.35
C GLU A 22 6.28 -4.72 -6.09
N ASP A 23 6.50 -3.78 -5.17
CA ASP A 23 5.75 -3.77 -3.92
C ASP A 23 4.33 -3.27 -4.17
N LYS A 24 4.12 -2.42 -5.19
CA LYS A 24 2.81 -1.87 -5.58
C LYS A 24 1.63 -2.82 -5.32
N PRO A 25 1.50 -3.99 -5.97
CA PRO A 25 0.40 -4.90 -5.71
C PRO A 25 0.42 -5.38 -4.26
N GLY A 26 1.60 -5.76 -3.77
CA GLY A 26 1.81 -6.14 -2.38
C GLY A 26 1.26 -5.12 -1.39
N CYS A 27 1.39 -3.82 -1.72
CA CYS A 27 0.99 -2.72 -0.88
C CYS A 27 -0.48 -2.40 -1.14
N LEU A 28 -0.78 -1.91 -2.34
CA LEU A 28 -2.11 -1.43 -2.70
C LEU A 28 -3.07 -2.59 -2.71
N GLY A 29 -2.74 -3.64 -3.43
CA GLY A 29 -3.58 -4.83 -3.48
C GLY A 29 -3.93 -5.31 -2.07
N MET A 30 -2.98 -5.21 -1.13
CA MET A 30 -3.25 -5.53 0.27
C MET A 30 -4.16 -4.46 0.88
N VAL A 31 -3.81 -3.18 0.79
CA VAL A 31 -4.59 -2.08 1.35
C VAL A 31 -6.05 -2.12 0.87
N TRP A 32 -6.25 -2.32 -0.44
CA TRP A 32 -7.56 -2.40 -1.08
C TRP A 32 -8.37 -3.57 -0.50
N ASN A 33 -7.73 -4.54 0.14
CA ASN A 33 -8.46 -5.61 0.80
C ASN A 33 -9.21 -5.04 2.01
N PRO A 34 -10.56 -5.04 1.99
CA PRO A 34 -11.35 -4.50 3.08
C PRO A 34 -11.13 -5.24 4.40
N GLU A 35 -10.53 -6.44 4.36
CA GLU A 35 -10.12 -7.18 5.55
C GLU A 35 -9.06 -6.42 6.36
N LEU A 36 -8.23 -5.59 5.72
CA LEU A 36 -7.22 -4.80 6.44
C LEU A 36 -7.66 -3.35 6.60
N CYS A 37 -7.99 -2.67 5.49
CA CYS A 37 -8.42 -1.28 5.50
C CYS A 37 -9.79 -1.15 4.83
N PRO A 38 -10.88 -1.12 5.61
CA PRO A 38 -12.23 -1.01 5.08
C PRO A 38 -12.54 0.44 4.70
N ASP A 1 9.55 2.05 6.19
CA ASP A 1 9.87 3.36 5.58
C ASP A 1 8.71 3.81 4.70
N LEU A 2 8.86 4.76 3.76
CA LEU A 2 7.74 5.39 3.06
C LEU A 2 6.79 4.33 2.47
N CYS A 3 7.37 3.30 1.85
CA CYS A 3 6.60 2.20 1.28
C CYS A 3 5.70 1.54 2.32
N GLU A 4 6.32 0.96 3.34
CA GLU A 4 5.61 0.37 4.48
C GLU A 4 4.59 1.34 5.05
N GLN A 5 4.97 2.61 5.25
CA GLN A 5 4.07 3.66 5.68
C GLN A 5 2.81 3.67 4.79
N SER A 6 2.94 3.44 3.48
CA SER A 6 1.78 3.33 2.61
C SER A 6 0.84 2.19 2.99
N ALA A 7 1.33 1.11 3.59
CA ALA A 7 0.45 0.09 4.12
C ALA A 7 -0.09 0.59 5.46
N LEU A 8 0.81 1.09 6.29
CA LEU A 8 0.56 1.44 7.69
C LEU A 8 -0.55 2.49 7.81
N GLN A 9 -0.42 3.58 7.05
CA GLN A 9 -1.40 4.65 6.94
C GLN A 9 -2.44 4.34 5.87
N CYS A 10 -2.38 3.18 5.21
CA CYS A 10 -3.36 2.75 4.23
C CYS A 10 -3.30 3.63 2.97
N ASN A 11 -2.12 4.14 2.62
CA ASN A 11 -1.99 5.14 1.58
C ASN A 11 -1.91 4.42 0.25
N GLU A 12 -3.10 4.07 -0.26
CA GLU A 12 -3.35 3.71 -1.65
C GLU A 12 -2.41 4.49 -2.59
N GLN A 13 -2.21 5.79 -2.38
CA GLN A 13 -1.40 6.59 -3.29
C GLN A 13 0.06 6.16 -3.21
N GLY A 14 0.58 6.24 -2.00
CA GLY A 14 1.93 5.89 -1.64
C GLY A 14 2.25 4.45 -2.02
N CYS A 15 1.26 3.57 -2.08
CA CYS A 15 1.48 2.23 -2.64
C CYS A 15 1.98 2.30 -4.09
N HIS A 16 1.63 3.33 -4.85
CA HIS A 16 2.20 3.59 -6.17
C HIS A 16 3.41 4.53 -6.07
N ASN A 17 3.30 5.56 -5.24
CA ASN A 17 4.22 6.69 -5.25
C ASN A 17 5.49 6.41 -4.43
N PHE A 18 5.33 5.80 -3.26
CA PHE A 18 6.39 5.54 -2.30
C PHE A 18 6.92 4.12 -2.47
N CYS A 19 6.02 3.13 -2.51
CA CYS A 19 6.41 1.75 -2.80
C CYS A 19 6.83 1.62 -4.25
N SER A 20 7.76 0.70 -4.51
CA SER A 20 8.17 0.36 -5.86
C SER A 20 7.05 -0.41 -6.56
N PRO A 21 7.07 -0.49 -7.90
CA PRO A 21 6.00 -1.11 -8.66
C PRO A 21 5.77 -2.59 -8.31
N GLU A 22 6.79 -3.28 -7.76
CA GLU A 22 6.61 -4.68 -7.35
C GLU A 22 5.84 -4.73 -6.03
N ASP A 23 6.10 -3.76 -5.15
CA ASP A 23 5.41 -3.71 -3.88
C ASP A 23 4.00 -3.20 -4.10
N LYS A 24 3.82 -2.27 -5.06
CA LYS A 24 2.53 -1.69 -5.41
C LYS A 24 1.34 -2.65 -5.30
N PRO A 25 1.26 -3.76 -6.05
CA PRO A 25 0.15 -4.69 -5.93
C PRO A 25 0.10 -5.28 -4.52
N GLY A 26 1.25 -5.68 -4.00
CA GLY A 26 1.37 -6.15 -2.62
C GLY A 26 0.81 -5.14 -1.61
N CYS A 27 0.96 -3.84 -1.86
CA CYS A 27 0.64 -2.80 -0.90
C CYS A 27 -0.81 -2.42 -1.08
N LEU A 28 -1.13 -1.92 -2.29
CA LEU A 28 -2.44 -1.44 -2.66
C LEU A 28 -3.39 -2.60 -2.74
N GLY A 29 -3.06 -3.59 -3.54
CA GLY A 29 -3.92 -4.75 -3.71
C GLY A 29 -4.30 -5.34 -2.35
N MET A 30 -3.36 -5.36 -1.40
CA MET A 30 -3.67 -5.74 -0.02
C MET A 30 -4.55 -4.68 0.65
N VAL A 31 -4.15 -3.41 0.67
CA VAL A 31 -4.94 -2.33 1.26
C VAL A 31 -6.40 -2.34 0.77
N TRP A 32 -6.62 -2.49 -0.52
CA TRP A 32 -7.92 -2.56 -1.16
C TRP A 32 -8.76 -3.71 -0.60
N ASN A 33 -8.12 -4.78 -0.12
CA ASN A 33 -8.86 -5.86 0.51
C ASN A 33 -9.45 -5.36 1.83
N PRO A 34 -10.79 -5.36 1.99
CA PRO A 34 -11.48 -4.79 3.13
C PRO A 34 -11.13 -5.50 4.45
N GLU A 35 -10.69 -6.75 4.38
CA GLU A 35 -10.30 -7.55 5.52
C GLU A 35 -8.95 -7.07 6.06
N LEU A 36 -8.12 -6.46 5.20
CA LEU A 36 -6.80 -5.96 5.56
C LEU A 36 -6.82 -4.48 5.91
N CYS A 37 -7.47 -3.63 5.10
CA CYS A 37 -7.59 -2.20 5.40
C CYS A 37 -9.00 -1.73 5.03
N PRO A 38 -9.64 -0.86 5.83
CA PRO A 38 -10.98 -0.39 5.53
C PRO A 38 -10.96 0.67 4.41
N ASP A 1 9.77 1.54 5.74
CA ASP A 1 10.02 2.92 5.27
C ASP A 1 8.82 3.49 4.52
N LEU A 2 8.94 4.48 3.63
CA LEU A 2 7.80 5.16 3.01
C LEU A 2 6.81 4.17 2.40
N CYS A 3 7.34 3.15 1.72
CA CYS A 3 6.53 2.12 1.10
C CYS A 3 5.64 1.42 2.13
N GLU A 4 6.28 0.75 3.09
CA GLU A 4 5.65 0.13 4.24
C GLU A 4 4.64 1.10 4.88
N GLN A 5 5.07 2.30 5.22
CA GLN A 5 4.21 3.35 5.76
C GLN A 5 3.00 3.60 4.86
N SER A 6 3.11 3.44 3.55
CA SER A 6 1.95 3.51 2.67
C SER A 6 0.89 2.48 3.04
N ALA A 7 1.30 1.27 3.41
CA ALA A 7 0.36 0.26 3.89
C ALA A 7 -0.12 0.68 5.28
N LEU A 8 0.85 1.02 6.14
CA LEU A 8 0.64 1.33 7.55
C LEU A 8 -0.38 2.47 7.74
N GLN A 9 -0.27 3.54 6.96
CA GLN A 9 -1.18 4.67 6.97
C GLN A 9 -2.39 4.44 6.03
N CYS A 10 -2.50 3.26 5.40
CA CYS A 10 -3.57 2.96 4.45
C CYS A 10 -3.51 3.93 3.24
N ASN A 11 -2.33 4.46 2.93
CA ASN A 11 -2.14 5.45 1.89
C ASN A 11 -2.03 4.77 0.55
N GLU A 12 -3.20 4.44 0.00
CA GLU A 12 -3.38 3.95 -1.36
C GLU A 12 -2.46 4.65 -2.35
N GLN A 13 -2.26 5.95 -2.18
CA GLN A 13 -1.44 6.75 -3.08
C GLN A 13 0.00 6.28 -3.00
N GLY A 14 0.55 6.35 -1.80
CA GLY A 14 1.87 5.88 -1.43
C GLY A 14 2.14 4.49 -1.98
N CYS A 15 1.14 3.60 -1.96
CA CYS A 15 1.28 2.27 -2.56
C CYS A 15 1.70 2.31 -4.04
N HIS A 16 1.43 3.38 -4.78
CA HIS A 16 2.01 3.63 -6.10
C HIS A 16 3.20 4.58 -6.03
N ASN A 17 3.08 5.64 -5.23
CA ASN A 17 3.94 6.82 -5.30
C ASN A 17 5.26 6.57 -4.56
N PHE A 18 5.16 5.94 -3.39
CA PHE A 18 6.26 5.67 -2.49
C PHE A 18 6.78 4.24 -2.70
N CYS A 19 5.88 3.26 -2.75
CA CYS A 19 6.26 1.88 -3.00
C CYS A 19 6.74 1.69 -4.43
N SER A 20 7.69 0.79 -4.59
CA SER A 20 8.20 0.33 -5.88
C SER A 20 7.08 -0.40 -6.63
N PRO A 21 7.20 -0.54 -7.96
CA PRO A 21 6.19 -1.23 -8.76
C PRO A 21 5.98 -2.70 -8.33
N GLU A 22 7.00 -3.34 -7.74
CA GLU A 22 6.88 -4.69 -7.21
C GLU A 22 6.05 -4.70 -5.93
N ASP A 23 6.30 -3.73 -5.04
CA ASP A 23 5.58 -3.66 -3.78
C ASP A 23 4.17 -3.17 -4.03
N LYS A 24 3.95 -2.30 -5.02
CA LYS A 24 2.65 -1.75 -5.38
C LYS A 24 1.46 -2.72 -5.22
N PRO A 25 1.36 -3.82 -5.98
CA PRO A 25 0.27 -4.77 -5.82
C PRO A 25 0.28 -5.34 -4.41
N GLY A 26 1.47 -5.69 -3.90
CA GLY A 26 1.64 -6.13 -2.52
C GLY A 26 1.05 -5.16 -1.50
N CYS A 27 1.14 -3.86 -1.77
CA CYS A 27 0.70 -2.79 -0.87
C CYS A 27 -0.77 -2.53 -1.14
N LEU A 28 -1.08 -1.95 -2.30
CA LEU A 28 -2.42 -1.51 -2.66
C LEU A 28 -3.33 -2.69 -2.77
N GLY A 29 -2.94 -3.68 -3.55
CA GLY A 29 -3.75 -4.89 -3.71
C GLY A 29 -4.13 -5.50 -2.35
N MET A 30 -3.25 -5.37 -1.33
CA MET A 30 -3.59 -5.81 0.02
C MET A 30 -4.46 -4.76 0.74
N VAL A 31 -4.13 -3.48 0.65
CA VAL A 31 -4.90 -2.40 1.27
C VAL A 31 -6.35 -2.43 0.76
N TRP A 32 -6.55 -2.63 -0.55
CA TRP A 32 -7.86 -2.80 -1.18
C TRP A 32 -8.64 -3.96 -0.59
N ASN A 33 -7.99 -4.89 0.13
CA ASN A 33 -8.70 -5.98 0.76
C ASN A 33 -9.42 -5.43 1.99
N PRO A 34 -10.77 -5.42 2.01
CA PRO A 34 -11.52 -4.96 3.17
C PRO A 34 -11.24 -5.81 4.42
N GLU A 35 -10.69 -7.02 4.25
CA GLU A 35 -10.22 -7.83 5.37
C GLU A 35 -9.07 -7.14 6.13
N LEU A 36 -8.29 -6.27 5.46
CA LEU A 36 -7.14 -5.60 6.05
C LEU A 36 -7.36 -4.10 6.24
N CYS A 37 -7.74 -3.36 5.19
CA CYS A 37 -7.87 -1.90 5.26
C CYS A 37 -9.22 -1.48 4.69
N PRO A 38 -9.95 -0.53 5.31
CA PRO A 38 -11.28 -0.16 4.88
C PRO A 38 -11.23 0.73 3.64
N ASP A 1 9.89 1.97 6.00
CA ASP A 1 10.06 3.32 5.41
C ASP A 1 8.83 3.76 4.62
N LEU A 2 8.91 4.77 3.75
CA LEU A 2 7.76 5.39 3.08
C LEU A 2 6.80 4.36 2.51
N CYS A 3 7.35 3.37 1.81
CA CYS A 3 6.58 2.30 1.20
C CYS A 3 5.74 1.55 2.25
N GLU A 4 6.42 0.99 3.23
CA GLU A 4 5.83 0.34 4.39
C GLU A 4 4.77 1.25 5.02
N GLN A 5 5.13 2.50 5.35
CA GLN A 5 4.19 3.48 5.85
C GLN A 5 2.99 3.63 4.91
N SER A 6 3.16 3.45 3.61
CA SER A 6 2.06 3.44 2.65
C SER A 6 1.07 2.32 2.92
N ALA A 7 1.51 1.18 3.42
CA ALA A 7 0.58 0.12 3.83
C ALA A 7 0.00 0.51 5.19
N LEU A 8 0.89 0.90 6.10
CA LEU A 8 0.58 1.19 7.49
C LEU A 8 -0.53 2.24 7.61
N GLN A 9 -0.36 3.37 6.92
CA GLN A 9 -1.32 4.46 6.84
C GLN A 9 -2.32 4.25 5.70
N CYS A 10 -2.34 3.05 5.10
CA CYS A 10 -3.35 2.67 4.11
C CYS A 10 -3.33 3.59 2.88
N ASN A 11 -2.16 4.11 2.53
CA ASN A 11 -2.02 5.13 1.50
C ASN A 11 -1.94 4.45 0.15
N GLU A 12 -3.12 4.16 -0.39
CA GLU A 12 -3.33 3.83 -1.79
C GLU A 12 -2.35 4.59 -2.69
N GLN A 13 -2.24 5.92 -2.54
CA GLN A 13 -1.38 6.73 -3.39
C GLN A 13 0.06 6.25 -3.32
N GLY A 14 0.61 6.32 -2.11
CA GLY A 14 1.97 5.95 -1.80
C GLY A 14 2.28 4.51 -2.24
N CYS A 15 1.31 3.60 -2.21
CA CYS A 15 1.51 2.28 -2.78
C CYS A 15 1.98 2.35 -4.25
N HIS A 16 1.60 3.39 -4.99
CA HIS A 16 2.20 3.70 -6.29
C HIS A 16 3.41 4.63 -6.15
N ASN A 17 3.27 5.68 -5.34
CA ASN A 17 4.17 6.83 -5.35
C ASN A 17 5.47 6.56 -4.59
N PHE A 18 5.35 5.97 -3.40
CA PHE A 18 6.41 5.68 -2.46
C PHE A 18 6.96 4.27 -2.70
N CYS A 19 6.07 3.29 -2.78
CA CYS A 19 6.46 1.90 -2.98
C CYS A 19 6.96 1.69 -4.40
N SER A 20 7.90 0.77 -4.53
CA SER A 20 8.37 0.27 -5.81
C SER A 20 7.22 -0.49 -6.48
N PRO A 21 7.28 -0.71 -7.80
CA PRO A 21 6.27 -1.46 -8.53
C PRO A 21 5.97 -2.85 -7.97
N GLU A 22 6.88 -3.48 -7.19
CA GLU A 22 6.61 -4.83 -6.66
C GLU A 22 5.80 -4.71 -5.38
N ASP A 23 6.13 -3.69 -4.59
CA ASP A 23 5.41 -3.45 -3.36
C ASP A 23 4.04 -2.91 -3.72
N LYS A 24 3.91 -2.11 -4.77
CA LYS A 24 2.63 -1.60 -5.27
C LYS A 24 1.46 -2.60 -5.19
N PRO A 25 1.38 -3.67 -6.01
CA PRO A 25 0.25 -4.59 -5.97
C PRO A 25 0.13 -5.20 -4.58
N GLY A 26 1.26 -5.58 -3.99
CA GLY A 26 1.29 -6.10 -2.63
C GLY A 26 0.66 -5.14 -1.62
N CYS A 27 0.83 -3.84 -1.81
CA CYS A 27 0.53 -2.81 -0.84
C CYS A 27 -0.92 -2.41 -1.04
N LEU A 28 -1.20 -1.97 -2.27
CA LEU A 28 -2.49 -1.47 -2.73
C LEU A 28 -3.46 -2.60 -2.86
N GLY A 29 -3.09 -3.65 -3.57
CA GLY A 29 -3.99 -4.79 -3.72
C GLY A 29 -4.41 -5.31 -2.35
N MET A 30 -3.49 -5.35 -1.39
CA MET A 30 -3.84 -5.66 -0.01
C MET A 30 -4.74 -4.56 0.59
N VAL A 31 -4.31 -3.30 0.58
CA VAL A 31 -5.09 -2.18 1.10
C VAL A 31 -6.53 -2.21 0.57
N TRP A 32 -6.71 -2.45 -0.73
CA TRP A 32 -8.03 -2.49 -1.38
C TRP A 32 -8.89 -3.60 -0.78
N ASN A 33 -8.27 -4.67 -0.26
CA ASN A 33 -9.02 -5.72 0.41
C ASN A 33 -9.53 -5.18 1.76
N PRO A 34 -10.86 -5.12 1.96
CA PRO A 34 -11.46 -4.51 3.14
C PRO A 34 -11.18 -5.33 4.42
N GLU A 35 -10.89 -6.63 4.29
CA GLU A 35 -10.48 -7.44 5.43
C GLU A 35 -9.16 -6.90 5.99
N LEU A 36 -8.27 -6.47 5.09
CA LEU A 36 -6.94 -5.99 5.46
C LEU A 36 -6.94 -4.51 5.83
N CYS A 37 -7.55 -3.63 5.02
CA CYS A 37 -7.73 -2.23 5.41
C CYS A 37 -9.21 -1.83 5.30
N PRO A 38 -10.01 -1.98 6.38
CA PRO A 38 -11.41 -1.61 6.38
C PRO A 38 -11.58 -0.10 6.44
N ASP A 1 9.73 1.82 5.68
CA ASP A 1 9.91 3.20 5.16
C ASP A 1 8.63 3.70 4.52
N LEU A 2 8.71 4.71 3.65
CA LEU A 2 7.56 5.31 2.97
C LEU A 2 6.62 4.23 2.43
N CYS A 3 7.19 3.21 1.79
CA CYS A 3 6.46 2.08 1.25
C CYS A 3 5.65 1.34 2.32
N GLU A 4 6.34 0.80 3.32
CA GLU A 4 5.72 0.16 4.47
C GLU A 4 4.67 1.07 5.10
N GLN A 5 5.03 2.31 5.44
CA GLN A 5 4.05 3.28 5.93
C GLN A 5 2.84 3.38 4.98
N SER A 6 3.05 3.28 3.67
CA SER A 6 1.96 3.22 2.71
C SER A 6 1.01 2.05 2.94
N ALA A 7 1.52 0.93 3.44
CA ALA A 7 0.67 -0.20 3.80
C ALA A 7 0.02 0.10 5.14
N LEU A 8 0.83 0.58 6.08
CA LEU A 8 0.47 0.77 7.48
C LEU A 8 -0.70 1.75 7.60
N GLN A 9 -0.57 2.92 6.96
CA GLN A 9 -1.61 3.92 6.90
C GLN A 9 -2.56 3.66 5.71
N CYS A 10 -2.47 2.47 5.11
CA CYS A 10 -3.33 2.00 4.04
C CYS A 10 -3.47 3.02 2.92
N ASN A 11 -2.35 3.65 2.56
CA ASN A 11 -2.32 4.72 1.59
C ASN A 11 -2.21 4.10 0.22
N GLU A 12 -3.36 3.78 -0.36
CA GLU A 12 -3.51 3.35 -1.75
C GLU A 12 -2.59 4.19 -2.66
N GLN A 13 -2.50 5.50 -2.40
CA GLN A 13 -1.77 6.42 -3.25
C GLN A 13 -0.29 6.05 -3.19
N GLY A 14 0.26 6.15 -2.00
CA GLY A 14 1.63 5.82 -1.67
C GLY A 14 1.98 4.42 -2.15
N CYS A 15 1.04 3.48 -2.13
CA CYS A 15 1.30 2.16 -2.68
C CYS A 15 1.75 2.22 -4.15
N HIS A 16 1.39 3.27 -4.89
CA HIS A 16 2.05 3.62 -6.16
C HIS A 16 3.17 4.65 -5.98
N ASN A 17 2.95 5.66 -5.14
CA ASN A 17 3.76 6.88 -5.12
C ASN A 17 5.05 6.74 -4.29
N PHE A 18 4.97 5.97 -3.20
CA PHE A 18 6.00 5.70 -2.22
C PHE A 18 6.61 4.32 -2.47
N CYS A 19 5.77 3.29 -2.56
CA CYS A 19 6.23 1.93 -2.86
C CYS A 19 6.74 1.86 -4.29
N SER A 20 7.68 0.95 -4.52
CA SER A 20 8.21 0.68 -5.85
C SER A 20 7.20 -0.20 -6.60
N PRO A 21 7.34 -0.35 -7.93
CA PRO A 21 6.39 -1.11 -8.72
C PRO A 21 6.27 -2.58 -8.27
N GLU A 22 7.27 -3.12 -7.55
CA GLU A 22 7.22 -4.54 -7.17
C GLU A 22 6.27 -4.70 -6.02
N ASP A 23 6.42 -3.79 -5.06
CA ASP A 23 5.63 -3.80 -3.85
C ASP A 23 4.30 -3.13 -4.12
N LYS A 24 4.15 -2.33 -5.18
CA LYS A 24 2.87 -1.76 -5.59
C LYS A 24 1.70 -2.73 -5.45
N PRO A 25 1.61 -3.84 -6.22
CA PRO A 25 0.49 -4.75 -6.10
C PRO A 25 0.44 -5.33 -4.68
N GLY A 26 1.59 -5.74 -4.15
CA GLY A 26 1.70 -6.23 -2.79
C GLY A 26 1.06 -5.28 -1.76
N CYS A 27 1.24 -3.98 -1.97
CA CYS A 27 0.87 -2.93 -1.04
C CYS A 27 -0.56 -2.54 -1.31
N LEU A 28 -0.83 -2.02 -2.51
CA LEU A 28 -2.14 -1.51 -2.89
C LEU A 28 -3.11 -2.65 -2.97
N GLY A 29 -2.78 -3.69 -3.72
CA GLY A 29 -3.64 -4.85 -3.82
C GLY A 29 -4.05 -5.35 -2.43
N MET A 30 -3.12 -5.30 -1.47
CA MET A 30 -3.38 -5.65 -0.08
C MET A 30 -4.24 -4.58 0.62
N VAL A 31 -3.89 -3.30 0.49
CA VAL A 31 -4.58 -2.17 1.10
C VAL A 31 -6.03 -2.10 0.61
N TRP A 32 -6.26 -2.36 -0.69
CA TRP A 32 -7.56 -2.47 -1.31
C TRP A 32 -8.38 -3.59 -0.68
N ASN A 33 -7.78 -4.52 0.07
CA ASN A 33 -8.52 -5.52 0.81
C ASN A 33 -9.16 -4.86 2.04
N PRO A 34 -10.50 -4.69 2.09
CA PRO A 34 -11.16 -4.05 3.22
C PRO A 34 -11.10 -4.91 4.49
N GLU A 35 -10.56 -6.13 4.41
CA GLU A 35 -10.14 -6.92 5.56
C GLU A 35 -9.04 -6.21 6.35
N LEU A 36 -8.08 -5.54 5.70
CA LEU A 36 -7.06 -4.81 6.44
C LEU A 36 -7.51 -3.39 6.78
N CYS A 37 -7.88 -2.60 5.76
CA CYS A 37 -8.25 -1.20 5.96
C CYS A 37 -9.61 -0.91 5.30
N PRO A 38 -10.71 -1.05 6.04
CA PRO A 38 -12.04 -0.76 5.52
C PRO A 38 -12.29 0.75 5.51
N ASP A 1 9.47 1.62 5.79
CA ASP A 1 9.75 3.04 5.40
C ASP A 1 8.55 3.65 4.70
N LEU A 2 8.74 4.65 3.81
CA LEU A 2 7.65 5.31 3.09
C LEU A 2 6.71 4.30 2.45
N CYS A 3 7.30 3.28 1.82
CA CYS A 3 6.55 2.18 1.21
C CYS A 3 5.62 1.54 2.24
N GLU A 4 6.17 0.86 3.24
CA GLU A 4 5.42 0.28 4.35
C GLU A 4 4.38 1.25 4.91
N GLN A 5 4.79 2.46 5.25
CA GLN A 5 3.91 3.52 5.74
C GLN A 5 2.71 3.71 4.80
N SER A 6 2.86 3.49 3.50
CA SER A 6 1.73 3.49 2.57
C SER A 6 0.64 2.51 3.00
N ALA A 7 1.04 1.30 3.38
CA ALA A 7 0.11 0.30 3.88
C ALA A 7 -0.36 0.74 5.27
N LEU A 8 0.59 1.11 6.11
CA LEU A 8 0.37 1.41 7.52
C LEU A 8 -0.64 2.54 7.72
N GLN A 9 -0.52 3.62 6.93
CA GLN A 9 -1.44 4.73 6.91
C GLN A 9 -2.57 4.51 5.90
N CYS A 10 -2.61 3.34 5.24
CA CYS A 10 -3.66 3.00 4.28
C CYS A 10 -3.69 4.02 3.12
N ASN A 11 -2.52 4.58 2.81
CA ASN A 11 -2.33 5.56 1.76
C ASN A 11 -2.15 4.83 0.44
N GLU A 12 -3.28 4.51 -0.19
CA GLU A 12 -3.38 3.95 -1.53
C GLU A 12 -2.37 4.60 -2.48
N GLN A 13 -2.21 5.92 -2.39
CA GLN A 13 -1.30 6.66 -3.24
C GLN A 13 0.11 6.13 -3.08
N GLY A 14 0.58 6.17 -1.84
CA GLY A 14 1.89 5.71 -1.41
C GLY A 14 2.23 4.34 -1.99
N CYS A 15 1.25 3.45 -2.10
CA CYS A 15 1.46 2.14 -2.70
C CYS A 15 2.00 2.22 -4.14
N HIS A 16 1.71 3.31 -4.85
CA HIS A 16 2.32 3.61 -6.15
C HIS A 16 3.48 4.60 -6.01
N ASN A 17 3.31 5.62 -5.17
CA ASN A 17 4.18 6.79 -5.17
C ASN A 17 5.46 6.51 -4.38
N PHE A 18 5.31 5.83 -3.24
CA PHE A 18 6.37 5.53 -2.31
C PHE A 18 6.90 4.11 -2.54
N CYS A 19 6.00 3.11 -2.62
CA CYS A 19 6.42 1.73 -2.88
C CYS A 19 6.85 1.57 -4.32
N SER A 20 7.84 0.71 -4.54
CA SER A 20 8.34 0.32 -5.84
C SER A 20 7.26 -0.49 -6.58
N PRO A 21 7.31 -0.61 -7.91
CA PRO A 21 6.32 -1.34 -8.67
C PRO A 21 6.11 -2.80 -8.23
N GLU A 22 7.13 -3.45 -7.62
CA GLU A 22 6.96 -4.84 -7.17
C GLU A 22 6.12 -4.84 -5.90
N ASP A 23 6.34 -3.85 -5.04
CA ASP A 23 5.57 -3.72 -3.81
C ASP A 23 4.18 -3.22 -4.16
N LYS A 24 4.03 -2.39 -5.20
CA LYS A 24 2.75 -1.82 -5.61
C LYS A 24 1.55 -2.77 -5.50
N PRO A 25 1.50 -3.93 -6.20
CA PRO A 25 0.38 -4.85 -6.07
C PRO A 25 0.32 -5.40 -4.65
N GLY A 26 1.47 -5.80 -4.09
CA GLY A 26 1.60 -6.24 -2.72
C GLY A 26 0.96 -5.24 -1.74
N CYS A 27 1.11 -3.95 -1.99
CA CYS A 27 0.64 -2.89 -1.14
C CYS A 27 -0.82 -2.60 -1.47
N LEU A 28 -1.08 -1.98 -2.63
CA LEU A 28 -2.41 -1.52 -3.00
C LEU A 28 -3.37 -2.69 -3.05
N GLY A 29 -2.97 -3.73 -3.77
CA GLY A 29 -3.75 -4.95 -3.83
C GLY A 29 -4.11 -5.48 -2.44
N MET A 30 -3.27 -5.27 -1.42
CA MET A 30 -3.64 -5.61 -0.05
C MET A 30 -4.55 -4.54 0.57
N VAL A 31 -4.19 -3.26 0.48
CA VAL A 31 -5.01 -2.17 1.04
C VAL A 31 -6.45 -2.23 0.50
N TRP A 32 -6.60 -2.51 -0.80
CA TRP A 32 -7.88 -2.67 -1.48
C TRP A 32 -8.72 -3.77 -0.85
N ASN A 33 -8.09 -4.74 -0.16
CA ASN A 33 -8.84 -5.75 0.56
C ASN A 33 -9.40 -5.12 1.84
N PRO A 34 -10.73 -4.93 1.97
CA PRO A 34 -11.30 -4.27 3.14
C PRO A 34 -11.00 -5.04 4.42
N GLU A 35 -10.81 -6.37 4.31
CA GLU A 35 -10.45 -7.23 5.42
C GLU A 35 -9.06 -6.87 5.99
N LEU A 36 -8.18 -6.26 5.19
CA LEU A 36 -6.84 -5.89 5.62
C LEU A 36 -6.81 -4.44 6.12
N CYS A 37 -7.24 -3.50 5.27
CA CYS A 37 -7.45 -2.11 5.68
C CYS A 37 -8.94 -1.73 5.54
N PRO A 38 -9.74 -1.84 6.61
CA PRO A 38 -11.13 -1.43 6.61
C PRO A 38 -11.24 0.09 6.80
N ASP A 1 9.64 2.41 5.89
CA ASP A 1 9.79 3.77 5.36
C ASP A 1 8.50 4.13 4.67
N LEU A 2 8.48 5.18 3.84
CA LEU A 2 7.31 5.68 3.12
C LEU A 2 6.48 4.54 2.51
N CYS A 3 7.15 3.55 1.92
CA CYS A 3 6.49 2.38 1.37
C CYS A 3 5.65 1.64 2.41
N GLU A 4 6.31 1.10 3.45
CA GLU A 4 5.61 0.46 4.56
C GLU A 4 4.56 1.42 5.14
N GLN A 5 4.93 2.67 5.39
CA GLN A 5 4.01 3.72 5.80
C GLN A 5 2.74 3.66 4.95
N SER A 6 2.89 3.45 3.66
CA SER A 6 1.79 3.30 2.73
C SER A 6 0.85 2.15 3.06
N ALA A 7 1.37 1.01 3.49
CA ALA A 7 0.54 -0.13 3.85
C ALA A 7 -0.09 0.12 5.21
N LEU A 8 0.71 0.63 6.15
CA LEU A 8 0.38 0.85 7.54
C LEU A 8 -0.73 1.92 7.66
N GLN A 9 -0.55 3.08 7.01
CA GLN A 9 -1.54 4.15 6.96
C GLN A 9 -2.57 3.92 5.84
N CYS A 10 -2.44 2.83 5.09
CA CYS A 10 -3.40 2.44 4.05
C CYS A 10 -3.46 3.50 2.94
N ASN A 11 -2.32 4.07 2.59
CA ASN A 11 -2.21 5.08 1.57
C ASN A 11 -2.10 4.37 0.23
N GLU A 12 -3.24 4.15 -0.43
CA GLU A 12 -3.28 3.65 -1.78
C GLU A 12 -2.29 4.40 -2.69
N GLN A 13 -1.99 5.67 -2.38
CA GLN A 13 -1.25 6.53 -3.30
C GLN A 13 0.21 6.16 -3.23
N GLY A 14 0.71 6.20 -2.01
CA GLY A 14 2.06 5.82 -1.63
C GLY A 14 2.39 4.42 -2.15
N CYS A 15 1.42 3.52 -2.20
CA CYS A 15 1.61 2.21 -2.80
C CYS A 15 2.10 2.32 -4.26
N HIS A 16 1.76 3.39 -4.96
CA HIS A 16 2.31 3.71 -6.28
C HIS A 16 3.50 4.67 -6.19
N ASN A 17 3.40 5.67 -5.30
CA ASN A 17 4.31 6.81 -5.26
C ASN A 17 5.61 6.46 -4.53
N PHE A 18 5.46 5.85 -3.35
CA PHE A 18 6.53 5.51 -2.43
C PHE A 18 7.02 4.09 -2.69
N CYS A 19 6.11 3.11 -2.69
CA CYS A 19 6.48 1.71 -2.91
C CYS A 19 6.87 1.53 -4.37
N SER A 20 7.88 0.69 -4.58
CA SER A 20 8.36 0.28 -5.89
C SER A 20 7.25 -0.50 -6.61
N PRO A 21 7.33 -0.65 -7.94
CA PRO A 21 6.31 -1.37 -8.69
C PRO A 21 6.10 -2.82 -8.25
N GLU A 22 7.08 -3.46 -7.60
CA GLU A 22 6.97 -4.85 -7.14
C GLU A 22 6.06 -4.86 -5.92
N ASP A 23 6.31 -3.92 -5.02
CA ASP A 23 5.53 -3.74 -3.81
C ASP A 23 4.16 -3.15 -4.16
N LYS A 24 4.05 -2.36 -5.22
CA LYS A 24 2.78 -1.74 -5.61
C LYS A 24 1.54 -2.65 -5.50
N PRO A 25 1.36 -3.70 -6.31
CA PRO A 25 0.18 -4.57 -6.23
C PRO A 25 0.08 -5.17 -4.83
N GLY A 26 1.21 -5.63 -4.30
CA GLY A 26 1.29 -6.19 -2.97
C GLY A 26 0.78 -5.22 -1.91
N CYS A 27 0.98 -3.93 -2.10
CA CYS A 27 0.69 -2.88 -1.13
C CYS A 27 -0.75 -2.45 -1.29
N LEU A 28 -1.06 -1.95 -2.49
CA LEU A 28 -2.37 -1.37 -2.81
C LEU A 28 -3.38 -2.48 -2.88
N GLY A 29 -3.11 -3.50 -3.68
CA GLY A 29 -4.02 -4.63 -3.79
C GLY A 29 -4.38 -5.18 -2.40
N MET A 30 -3.40 -5.22 -1.52
CA MET A 30 -3.60 -5.59 -0.12
C MET A 30 -4.44 -4.55 0.60
N VAL A 31 -4.03 -3.28 0.62
CA VAL A 31 -4.76 -2.20 1.29
C VAL A 31 -6.22 -2.14 0.85
N TRP A 32 -6.47 -2.28 -0.46
CA TRP A 32 -7.79 -2.30 -1.06
C TRP A 32 -8.64 -3.41 -0.44
N ASN A 33 -8.03 -4.47 0.09
CA ASN A 33 -8.76 -5.53 0.76
C ASN A 33 -9.34 -5.02 2.08
N PRO A 34 -10.67 -4.89 2.21
CA PRO A 34 -11.30 -4.32 3.41
C PRO A 34 -11.15 -5.25 4.62
N GLU A 35 -10.88 -6.54 4.41
CA GLU A 35 -10.54 -7.46 5.48
C GLU A 35 -9.25 -7.02 6.17
N LEU A 36 -8.33 -6.37 5.44
CA LEU A 36 -7.08 -5.88 5.99
C LEU A 36 -7.19 -4.42 6.41
N CYS A 37 -7.70 -3.54 5.54
CA CYS A 37 -7.87 -2.13 5.90
C CYS A 37 -9.21 -1.58 5.37
N PRO A 38 -10.28 -1.62 6.18
CA PRO A 38 -11.57 -1.09 5.82
C PRO A 38 -11.61 0.43 6.03
N ASP A 1 9.27 1.43 5.97
CA ASP A 1 9.69 2.71 5.38
C ASP A 1 8.51 3.52 4.85
N LEU A 2 8.71 4.36 3.83
CA LEU A 2 7.64 5.08 3.15
C LEU A 2 6.67 4.10 2.50
N CYS A 3 7.22 3.10 1.82
CA CYS A 3 6.44 2.06 1.16
C CYS A 3 5.57 1.33 2.18
N GLU A 4 6.21 0.69 3.15
CA GLU A 4 5.48 0.05 4.26
C GLU A 4 4.47 1.04 4.83
N GLN A 5 4.92 2.23 5.25
CA GLN A 5 4.02 3.24 5.81
C GLN A 5 2.80 3.49 4.92
N SER A 6 2.95 3.57 3.59
CA SER A 6 1.79 3.75 2.72
C SER A 6 0.78 2.61 2.84
N ALA A 7 1.26 1.39 3.08
CA ALA A 7 0.38 0.27 3.36
C ALA A 7 -0.27 0.53 4.70
N LEU A 8 0.57 0.80 5.70
CA LEU A 8 0.19 0.93 7.09
C LEU A 8 -0.92 1.98 7.28
N GLN A 9 -0.79 3.14 6.62
CA GLN A 9 -1.76 4.23 6.67
C GLN A 9 -2.91 4.04 5.67
N CYS A 10 -2.98 2.91 4.95
CA CYS A 10 -3.98 2.65 3.92
C CYS A 10 -3.93 3.71 2.82
N ASN A 11 -2.74 4.26 2.54
CA ASN A 11 -2.53 5.32 1.57
C ASN A 11 -2.33 4.72 0.19
N GLU A 12 -3.43 4.55 -0.54
CA GLU A 12 -3.45 4.16 -1.95
C GLU A 12 -2.38 4.91 -2.76
N GLN A 13 -2.29 6.23 -2.58
CA GLN A 13 -1.39 7.06 -3.37
C GLN A 13 0.03 6.58 -3.11
N GLY A 14 0.39 6.61 -1.84
CA GLY A 14 1.67 6.11 -1.36
C GLY A 14 1.98 4.72 -1.89
N CYS A 15 1.01 3.80 -1.87
CA CYS A 15 1.17 2.47 -2.45
C CYS A 15 1.59 2.47 -3.92
N HIS A 16 1.34 3.55 -4.66
CA HIS A 16 1.88 3.75 -6.01
C HIS A 16 3.12 4.65 -6.02
N ASN A 17 3.16 5.68 -5.17
CA ASN A 17 4.18 6.73 -5.21
C ASN A 17 5.43 6.29 -4.45
N PHE A 18 5.23 5.84 -3.21
CA PHE A 18 6.27 5.49 -2.28
C PHE A 18 6.73 4.06 -2.53
N CYS A 19 5.79 3.12 -2.67
CA CYS A 19 6.17 1.73 -2.92
C CYS A 19 6.73 1.54 -4.32
N SER A 20 7.57 0.52 -4.46
CA SER A 20 8.09 0.08 -5.75
C SER A 20 6.95 -0.54 -6.55
N PRO A 21 7.10 -0.73 -7.87
CA PRO A 21 6.17 -1.54 -8.63
C PRO A 21 6.03 -2.97 -8.09
N GLU A 22 7.04 -3.47 -7.36
CA GLU A 22 7.00 -4.81 -6.79
C GLU A 22 6.11 -4.83 -5.55
N ASP A 23 6.27 -3.85 -4.66
CA ASP A 23 5.47 -3.79 -3.45
C ASP A 23 4.08 -3.25 -3.75
N LYS A 24 3.92 -2.42 -4.79
CA LYS A 24 2.66 -1.89 -5.27
C LYS A 24 1.45 -2.82 -5.06
N PRO A 25 1.37 -4.00 -5.70
CA PRO A 25 0.25 -4.91 -5.49
C PRO A 25 0.19 -5.39 -4.04
N GLY A 26 1.34 -5.74 -3.46
CA GLY A 26 1.43 -6.11 -2.05
C GLY A 26 0.83 -5.05 -1.12
N CYS A 27 0.96 -3.78 -1.49
CA CYS A 27 0.54 -2.65 -0.68
C CYS A 27 -0.92 -2.34 -1.01
N LEU A 28 -1.15 -1.87 -2.22
CA LEU A 28 -2.46 -1.41 -2.69
C LEU A 28 -3.40 -2.57 -2.79
N GLY A 29 -2.99 -3.63 -3.46
CA GLY A 29 -3.81 -4.83 -3.54
C GLY A 29 -4.27 -5.28 -2.15
N MET A 30 -3.40 -5.14 -1.13
CA MET A 30 -3.82 -5.34 0.24
C MET A 30 -4.82 -4.27 0.68
N VAL A 31 -4.49 -2.98 0.56
CA VAL A 31 -5.39 -1.90 0.95
C VAL A 31 -6.79 -2.05 0.33
N TRP A 32 -6.85 -2.36 -0.97
CA TRP A 32 -8.08 -2.49 -1.74
C TRP A 32 -8.89 -3.70 -1.26
N ASN A 33 -8.26 -4.66 -0.57
CA ASN A 33 -8.98 -5.71 0.11
C ASN A 33 -9.46 -5.15 1.45
N PRO A 34 -10.77 -5.01 1.71
CA PRO A 34 -11.29 -4.43 2.95
C PRO A 34 -11.19 -5.44 4.10
N GLU A 35 -9.96 -5.92 4.36
CA GLU A 35 -9.59 -6.92 5.35
C GLU A 35 -8.22 -6.53 5.91
N LEU A 36 -7.25 -6.26 5.01
CA LEU A 36 -5.88 -5.99 5.43
C LEU A 36 -5.69 -4.55 5.87
N CYS A 37 -6.25 -3.59 5.11
CA CYS A 37 -6.24 -2.17 5.52
C CYS A 37 -7.58 -1.52 5.23
N PRO A 38 -8.57 -1.66 6.13
CA PRO A 38 -9.91 -1.13 5.93
C PRO A 38 -9.93 0.38 6.18
N ASP A 1 8.88 2.03 6.19
CA ASP A 1 9.41 3.26 5.57
C ASP A 1 8.35 3.87 4.65
N LEU A 2 8.69 4.68 3.63
CA LEU A 2 7.66 5.32 2.79
C LEU A 2 6.80 4.27 2.08
N CYS A 3 7.37 3.12 1.77
CA CYS A 3 6.58 2.04 1.18
C CYS A 3 5.61 1.47 2.22
N GLU A 4 6.15 0.80 3.24
CA GLU A 4 5.36 0.19 4.30
C GLU A 4 4.32 1.15 4.88
N GLN A 5 4.68 2.40 5.15
CA GLN A 5 3.69 3.36 5.65
C GLN A 5 2.48 3.43 4.72
N SER A 6 2.65 3.28 3.41
CA SER A 6 1.52 3.26 2.51
C SER A 6 0.58 2.08 2.76
N ALA A 7 1.09 0.97 3.28
CA ALA A 7 0.27 -0.17 3.66
C ALA A 7 -0.35 0.08 5.03
N LEU A 8 0.48 0.53 5.97
CA LEU A 8 0.17 0.70 7.39
C LEU A 8 -0.83 1.84 7.60
N GLN A 9 -0.53 3.04 7.08
CA GLN A 9 -1.42 4.19 7.08
C GLN A 9 -2.41 4.13 5.92
N CYS A 10 -2.28 3.14 5.02
CA CYS A 10 -3.34 2.79 4.09
C CYS A 10 -3.48 3.84 2.99
N ASN A 11 -2.33 4.29 2.48
CA ASN A 11 -2.19 5.31 1.46
C ASN A 11 -2.11 4.65 0.09
N GLU A 12 -3.26 4.43 -0.54
CA GLU A 12 -3.39 4.03 -1.93
C GLU A 12 -2.38 4.75 -2.82
N GLN A 13 -2.20 6.06 -2.63
CA GLN A 13 -1.39 6.87 -3.52
C GLN A 13 0.05 6.45 -3.34
N GLY A 14 0.49 6.55 -2.10
CA GLY A 14 1.81 6.13 -1.66
C GLY A 14 2.13 4.70 -2.09
N CYS A 15 1.14 3.80 -2.13
CA CYS A 15 1.36 2.45 -2.64
C CYS A 15 1.82 2.42 -4.11
N HIS A 16 1.53 3.46 -4.90
CA HIS A 16 2.12 3.63 -6.23
C HIS A 16 3.32 4.57 -6.19
N ASN A 17 3.25 5.64 -5.39
CA ASN A 17 4.21 6.74 -5.41
C ASN A 17 5.47 6.37 -4.63
N PHE A 18 5.27 5.89 -3.41
CA PHE A 18 6.32 5.60 -2.45
C PHE A 18 6.80 4.16 -2.60
N CYS A 19 5.88 3.19 -2.65
CA CYS A 19 6.26 1.79 -2.87
C CYS A 19 6.79 1.60 -4.29
N SER A 20 7.70 0.65 -4.45
CA SER A 20 8.27 0.26 -5.73
C SER A 20 7.25 -0.58 -6.51
N PRO A 21 7.40 -0.80 -7.82
CA PRO A 21 6.40 -1.49 -8.61
C PRO A 21 6.19 -2.95 -8.20
N GLU A 22 7.19 -3.58 -7.56
CA GLU A 22 7.05 -4.93 -7.02
C GLU A 22 6.14 -4.93 -5.79
N ASP A 23 6.35 -3.96 -4.89
CA ASP A 23 5.59 -3.85 -3.67
C ASP A 23 4.20 -3.25 -3.94
N LYS A 24 4.07 -2.42 -4.98
CA LYS A 24 2.81 -1.81 -5.42
C LYS A 24 1.60 -2.72 -5.22
N PRO A 25 1.48 -3.89 -5.88
CA PRO A 25 0.32 -4.76 -5.68
C PRO A 25 0.26 -5.25 -4.24
N GLY A 26 1.41 -5.65 -3.69
CA GLY A 26 1.51 -6.04 -2.29
C GLY A 26 0.94 -4.97 -1.34
N CYS A 27 1.12 -3.69 -1.66
CA CYS A 27 0.72 -2.58 -0.81
C CYS A 27 -0.72 -2.22 -1.10
N LEU A 28 -0.97 -1.78 -2.33
CA LEU A 28 -2.27 -1.28 -2.76
C LEU A 28 -3.23 -2.43 -2.84
N GLY A 29 -2.87 -3.48 -3.57
CA GLY A 29 -3.72 -4.66 -3.68
C GLY A 29 -4.18 -5.15 -2.31
N MET A 30 -3.30 -5.11 -1.29
CA MET A 30 -3.71 -5.42 0.07
C MET A 30 -4.60 -4.32 0.65
N VAL A 31 -4.18 -3.05 0.58
CA VAL A 31 -4.95 -1.91 1.09
C VAL A 31 -6.39 -1.90 0.54
N TRP A 32 -6.54 -2.13 -0.76
CA TRP A 32 -7.81 -2.25 -1.46
C TRP A 32 -8.68 -3.35 -0.83
N ASN A 33 -8.08 -4.36 -0.20
CA ASN A 33 -8.85 -5.41 0.46
C ASN A 33 -9.32 -4.90 1.84
N PRO A 34 -10.63 -4.62 2.01
CA PRO A 34 -11.15 -4.06 3.25
C PRO A 34 -10.91 -4.99 4.44
N GLU A 35 -10.81 -6.30 4.17
CA GLU A 35 -10.50 -7.32 5.17
C GLU A 35 -9.10 -7.14 5.77
N LEU A 36 -8.18 -6.45 5.07
CA LEU A 36 -6.82 -6.21 5.57
C LEU A 36 -6.72 -4.81 6.19
N CYS A 37 -7.07 -3.79 5.41
CA CYS A 37 -7.18 -2.40 5.84
C CYS A 37 -8.61 -1.89 5.68
N PRO A 38 -9.46 -1.95 6.71
CA PRO A 38 -10.84 -1.47 6.66
C PRO A 38 -10.91 0.05 6.82
N ASP A 1 9.47 1.62 5.79
CA ASP A 1 9.75 3.04 5.40
C ASP A 1 8.55 3.65 4.70
N LEU A 2 8.74 4.65 3.81
CA LEU A 2 7.65 5.31 3.09
C LEU A 2 6.71 4.30 2.45
N CYS A 3 7.30 3.28 1.82
CA CYS A 3 6.55 2.18 1.21
C CYS A 3 5.62 1.54 2.24
N GLU A 4 6.17 0.86 3.24
CA GLU A 4 5.42 0.28 4.35
C GLU A 4 4.38 1.25 4.91
N GLN A 5 4.79 2.46 5.25
CA GLN A 5 3.91 3.52 5.74
C GLN A 5 2.71 3.71 4.80
N SER A 6 2.86 3.49 3.50
CA SER A 6 1.73 3.49 2.57
C SER A 6 0.64 2.51 3.00
N ALA A 7 1.04 1.30 3.38
CA ALA A 7 0.11 0.30 3.88
C ALA A 7 -0.36 0.74 5.27
N LEU A 8 0.59 1.11 6.11
CA LEU A 8 0.37 1.41 7.52
C LEU A 8 -0.64 2.54 7.72
N GLN A 9 -0.52 3.62 6.93
CA GLN A 9 -1.44 4.73 6.91
C GLN A 9 -2.57 4.51 5.90
N CYS A 10 -2.61 3.34 5.24
CA CYS A 10 -3.66 3.00 4.28
C CYS A 10 -3.69 4.02 3.12
N ASN A 11 -2.52 4.58 2.81
CA ASN A 11 -2.33 5.56 1.76
C ASN A 11 -2.15 4.83 0.44
N GLU A 12 -3.28 4.51 -0.19
CA GLU A 12 -3.38 3.95 -1.53
C GLU A 12 -2.37 4.60 -2.48
N GLN A 13 -2.21 5.92 -2.39
CA GLN A 13 -1.30 6.66 -3.24
C GLN A 13 0.11 6.13 -3.08
N GLY A 14 0.58 6.17 -1.84
CA GLY A 14 1.89 5.71 -1.41
C GLY A 14 2.23 4.34 -1.99
N CYS A 15 1.25 3.45 -2.10
CA CYS A 15 1.46 2.14 -2.70
C CYS A 15 2.00 2.22 -4.14
N HIS A 16 1.71 3.31 -4.85
CA HIS A 16 2.32 3.61 -6.15
C HIS A 16 3.48 4.60 -6.01
N ASN A 17 3.31 5.62 -5.17
CA ASN A 17 4.18 6.79 -5.17
C ASN A 17 5.46 6.51 -4.38
N PHE A 18 5.31 5.83 -3.24
CA PHE A 18 6.37 5.53 -2.31
C PHE A 18 6.90 4.11 -2.54
N CYS A 19 6.00 3.11 -2.62
CA CYS A 19 6.42 1.73 -2.88
C CYS A 19 6.85 1.57 -4.32
N SER A 20 7.84 0.71 -4.54
CA SER A 20 8.34 0.32 -5.84
C SER A 20 7.26 -0.49 -6.58
N PRO A 21 7.31 -0.61 -7.91
CA PRO A 21 6.32 -1.34 -8.67
C PRO A 21 6.11 -2.80 -8.23
N GLU A 22 7.13 -3.45 -7.62
CA GLU A 22 6.96 -4.84 -7.17
C GLU A 22 6.12 -4.84 -5.90
N ASP A 23 6.34 -3.85 -5.04
CA ASP A 23 5.57 -3.72 -3.81
C ASP A 23 4.18 -3.22 -4.16
N LYS A 24 4.03 -2.39 -5.20
CA LYS A 24 2.75 -1.82 -5.61
C LYS A 24 1.55 -2.77 -5.50
N PRO A 25 1.50 -3.93 -6.20
CA PRO A 25 0.38 -4.85 -6.07
C PRO A 25 0.32 -5.40 -4.65
N GLY A 26 1.47 -5.80 -4.09
CA GLY A 26 1.60 -6.24 -2.72
C GLY A 26 0.96 -5.24 -1.74
N CYS A 27 1.11 -3.95 -1.99
CA CYS A 27 0.64 -2.89 -1.14
C CYS A 27 -0.82 -2.60 -1.47
N LEU A 28 -1.08 -1.98 -2.63
CA LEU A 28 -2.41 -1.52 -3.00
C LEU A 28 -3.37 -2.69 -3.05
N GLY A 29 -2.97 -3.73 -3.77
CA GLY A 29 -3.75 -4.95 -3.83
C GLY A 29 -4.11 -5.48 -2.44
N MET A 30 -3.27 -5.27 -1.42
CA MET A 30 -3.64 -5.61 -0.05
C MET A 30 -4.55 -4.54 0.57
N VAL A 31 -4.19 -3.26 0.48
CA VAL A 31 -5.01 -2.17 1.04
C VAL A 31 -6.45 -2.23 0.50
N TRP A 32 -6.60 -2.51 -0.80
CA TRP A 32 -7.88 -2.67 -1.48
C TRP A 32 -8.72 -3.77 -0.85
N ASN A 33 -8.09 -4.74 -0.16
CA ASN A 33 -8.84 -5.75 0.56
C ASN A 33 -9.40 -5.12 1.84
N PRO A 34 -10.73 -4.93 1.97
CA PRO A 34 -11.30 -4.27 3.14
C PRO A 34 -11.00 -5.04 4.42
N GLU A 35 -10.81 -6.37 4.31
CA GLU A 35 -10.45 -7.23 5.42
C GLU A 35 -9.06 -6.87 5.99
N LEU A 36 -8.18 -6.26 5.19
CA LEU A 36 -6.84 -5.89 5.62
C LEU A 36 -6.81 -4.44 6.12
N CYS A 37 -7.24 -3.50 5.27
CA CYS A 37 -7.45 -2.11 5.68
C CYS A 37 -8.94 -1.73 5.54
N PRO A 38 -9.74 -1.84 6.61
CA PRO A 38 -11.13 -1.43 6.61
C PRO A 38 -11.24 0.09 6.80
N ASP A 1 9.32 2.07 5.95
CA ASP A 1 9.69 3.34 5.32
C ASP A 1 8.53 3.80 4.43
N LEU A 2 8.71 4.81 3.58
CA LEU A 2 7.67 5.37 2.72
C LEU A 2 6.79 4.31 2.06
N CYS A 3 7.36 3.19 1.63
CA CYS A 3 6.56 2.10 1.09
C CYS A 3 5.65 1.46 2.14
N GLU A 4 6.24 0.77 3.12
CA GLU A 4 5.50 0.12 4.21
C GLU A 4 4.52 1.09 4.88
N GLN A 5 4.95 2.32 5.14
CA GLN A 5 4.10 3.43 5.54
C GLN A 5 2.79 3.46 4.74
N SER A 6 2.85 3.32 3.42
CA SER A 6 1.65 3.29 2.60
C SER A 6 0.69 2.15 2.94
N ALA A 7 1.22 1.01 3.40
CA ALA A 7 0.37 -0.11 3.81
C ALA A 7 -0.17 0.14 5.22
N LEU A 8 0.70 0.64 6.10
CA LEU A 8 0.45 0.82 7.51
C LEU A 8 -0.52 1.98 7.76
N GLN A 9 -0.25 3.15 7.18
CA GLN A 9 -1.13 4.31 7.24
C GLN A 9 -2.25 4.18 6.21
N CYS A 10 -2.17 3.19 5.32
CA CYS A 10 -3.22 2.85 4.38
C CYS A 10 -3.39 3.93 3.32
N ASN A 11 -2.25 4.38 2.78
CA ASN A 11 -2.16 5.37 1.72
C ASN A 11 -2.06 4.67 0.36
N GLU A 12 -3.22 4.36 -0.22
CA GLU A 12 -3.37 3.89 -1.59
C GLU A 12 -2.42 4.64 -2.54
N GLN A 13 -2.21 5.95 -2.34
CA GLN A 13 -1.47 6.76 -3.30
C GLN A 13 -0.03 6.33 -3.21
N GLY A 14 0.48 6.42 -1.99
CA GLY A 14 1.82 6.00 -1.62
C GLY A 14 2.09 4.56 -2.08
N CYS A 15 1.09 3.69 -2.05
CA CYS A 15 1.26 2.34 -2.57
C CYS A 15 1.67 2.31 -4.06
N HIS A 16 1.38 3.36 -4.84
CA HIS A 16 1.96 3.55 -6.16
C HIS A 16 3.19 4.47 -6.13
N ASN A 17 3.11 5.54 -5.35
CA ASN A 17 4.04 6.67 -5.44
C ASN A 17 5.31 6.42 -4.65
N PHE A 18 5.15 5.88 -3.44
CA PHE A 18 6.20 5.60 -2.48
C PHE A 18 6.71 4.17 -2.65
N CYS A 19 5.80 3.19 -2.75
CA CYS A 19 6.20 1.81 -2.99
C CYS A 19 6.65 1.62 -4.42
N SER A 20 7.63 0.73 -4.58
CA SER A 20 8.18 0.28 -5.84
C SER A 20 7.14 -0.54 -6.61
N PRO A 21 7.31 -0.76 -7.92
CA PRO A 21 6.35 -1.51 -8.72
C PRO A 21 6.17 -2.96 -8.23
N GLU A 22 7.18 -3.53 -7.57
CA GLU A 22 7.10 -4.87 -7.00
C GLU A 22 6.17 -4.89 -5.79
N ASP A 23 6.37 -3.94 -4.87
CA ASP A 23 5.59 -3.85 -3.64
C ASP A 23 4.20 -3.27 -3.91
N LYS A 24 4.05 -2.44 -4.93
CA LYS A 24 2.79 -1.85 -5.36
C LYS A 24 1.57 -2.78 -5.16
N PRO A 25 1.46 -3.92 -5.86
CA PRO A 25 0.33 -4.82 -5.66
C PRO A 25 0.28 -5.32 -4.23
N GLY A 26 1.43 -5.68 -3.66
CA GLY A 26 1.55 -6.06 -2.26
C GLY A 26 0.94 -5.02 -1.31
N CYS A 27 1.11 -3.74 -1.60
CA CYS A 27 0.71 -2.65 -0.72
C CYS A 27 -0.74 -2.28 -1.01
N LEU A 28 -0.98 -1.86 -2.25
CA LEU A 28 -2.27 -1.36 -2.70
C LEU A 28 -3.23 -2.51 -2.73
N GLY A 29 -2.89 -3.59 -3.43
CA GLY A 29 -3.73 -4.77 -3.49
C GLY A 29 -4.22 -5.19 -2.09
N MET A 30 -3.36 -5.07 -1.08
CA MET A 30 -3.73 -5.33 0.30
C MET A 30 -4.64 -4.21 0.83
N VAL A 31 -4.24 -2.95 0.72
CA VAL A 31 -5.06 -1.81 1.15
C VAL A 31 -6.47 -1.86 0.54
N TRP A 32 -6.57 -2.05 -0.78
CA TRP A 32 -7.80 -2.21 -1.53
C TRP A 32 -8.63 -3.38 -0.99
N ASN A 33 -8.02 -4.37 -0.34
CA ASN A 33 -8.76 -5.47 0.26
C ASN A 33 -9.32 -5.01 1.61
N PRO A 34 -10.65 -4.80 1.75
CA PRO A 34 -11.25 -4.33 2.99
C PRO A 34 -11.14 -5.37 4.12
N GLU A 35 -10.64 -6.57 3.83
CA GLU A 35 -10.17 -7.52 4.83
C GLU A 35 -8.99 -6.96 5.65
N LEU A 36 -8.02 -6.28 5.03
CA LEU A 36 -6.81 -5.85 5.72
C LEU A 36 -6.94 -4.40 6.22
N CYS A 37 -7.27 -3.49 5.31
CA CYS A 37 -7.57 -2.09 5.63
C CYS A 37 -9.01 -1.73 5.22
N PRO A 38 -10.00 -1.90 6.12
CA PRO A 38 -11.38 -1.52 5.88
C PRO A 38 -11.55 0.00 5.95
N ASP A 1 9.28 1.62 6.02
CA ASP A 1 9.61 2.94 5.48
C ASP A 1 8.50 3.48 4.57
N LEU A 2 8.75 4.46 3.69
CA LEU A 2 7.70 5.16 2.94
C LEU A 2 6.81 4.23 2.12
N CYS A 3 7.33 3.09 1.68
CA CYS A 3 6.48 2.09 1.06
C CYS A 3 5.47 1.55 2.08
N GLU A 4 5.98 0.79 3.05
CA GLU A 4 5.27 0.23 4.19
C GLU A 4 4.28 1.21 4.82
N GLN A 5 4.69 2.46 5.07
CA GLN A 5 3.83 3.48 5.66
C GLN A 5 2.48 3.52 4.92
N SER A 6 2.52 3.29 3.60
CA SER A 6 1.38 3.32 2.72
C SER A 6 0.51 2.07 2.83
N ALA A 7 1.06 0.95 3.28
CA ALA A 7 0.24 -0.18 3.66
C ALA A 7 -0.43 0.14 5.00
N LEU A 8 0.41 0.50 5.97
CA LEU A 8 0.08 0.76 7.34
C LEU A 8 -1.04 1.80 7.45
N GLN A 9 -0.90 2.95 6.79
CA GLN A 9 -1.87 4.02 6.79
C GLN A 9 -2.74 3.97 5.52
N CYS A 10 -2.83 2.82 4.85
CA CYS A 10 -3.82 2.56 3.83
C CYS A 10 -3.80 3.61 2.71
N ASN A 11 -2.59 4.02 2.27
CA ASN A 11 -2.40 5.11 1.35
C ASN A 11 -2.18 4.57 -0.05
N GLU A 12 -3.27 4.34 -0.78
CA GLU A 12 -3.31 4.05 -2.21
C GLU A 12 -2.23 4.84 -2.96
N GLN A 13 -2.11 6.13 -2.64
CA GLN A 13 -1.19 7.03 -3.30
C GLN A 13 0.23 6.50 -3.11
N GLY A 14 0.67 6.47 -1.87
CA GLY A 14 1.98 6.00 -1.45
C GLY A 14 2.27 4.61 -1.99
N CYS A 15 1.27 3.72 -1.98
CA CYS A 15 1.39 2.39 -2.59
C CYS A 15 1.79 2.43 -4.07
N HIS A 16 1.59 3.55 -4.76
CA HIS A 16 2.13 3.81 -6.10
C HIS A 16 3.38 4.70 -6.06
N ASN A 17 3.35 5.76 -5.24
CA ASN A 17 4.27 6.88 -5.33
C ASN A 17 5.55 6.58 -4.53
N PHE A 18 5.38 5.95 -3.38
CA PHE A 18 6.44 5.64 -2.43
C PHE A 18 6.92 4.21 -2.62
N CYS A 19 5.98 3.25 -2.74
CA CYS A 19 6.33 1.86 -3.03
C CYS A 19 6.85 1.72 -4.45
N SER A 20 7.82 0.81 -4.63
CA SER A 20 8.27 0.41 -5.95
C SER A 20 7.23 -0.53 -6.59
N PRO A 21 7.28 -0.72 -7.91
CA PRO A 21 6.29 -1.51 -8.64
C PRO A 21 6.15 -2.94 -8.14
N GLU A 22 7.18 -3.50 -7.50
CA GLU A 22 7.13 -4.85 -6.93
C GLU A 22 6.24 -4.86 -5.69
N ASP A 23 6.39 -3.85 -4.84
CA ASP A 23 5.63 -3.74 -3.60
C ASP A 23 4.23 -3.24 -3.91
N LYS A 24 4.07 -2.39 -4.93
CA LYS A 24 2.79 -1.85 -5.38
C LYS A 24 1.60 -2.80 -5.17
N PRO A 25 1.51 -3.98 -5.83
CA PRO A 25 0.39 -4.88 -5.64
C PRO A 25 0.31 -5.35 -4.18
N GLY A 26 1.46 -5.72 -3.62
CA GLY A 26 1.57 -6.10 -2.21
C GLY A 26 1.00 -5.04 -1.27
N CYS A 27 1.13 -3.76 -1.62
CA CYS A 27 0.70 -2.64 -0.81
C CYS A 27 -0.74 -2.34 -1.14
N LEU A 28 -0.99 -1.84 -2.35
CA LEU A 28 -2.28 -1.35 -2.80
C LEU A 28 -3.27 -2.47 -2.90
N GLY A 29 -2.90 -3.54 -3.56
CA GLY A 29 -3.77 -4.72 -3.63
C GLY A 29 -4.22 -5.13 -2.23
N MET A 30 -3.34 -5.03 -1.23
CA MET A 30 -3.68 -5.31 0.15
C MET A 30 -4.60 -4.20 0.70
N VAL A 31 -4.21 -2.93 0.56
CA VAL A 31 -5.00 -1.79 1.03
C VAL A 31 -6.42 -1.83 0.47
N TRP A 32 -6.56 -2.21 -0.81
CA TRP A 32 -7.83 -2.32 -1.49
C TRP A 32 -8.69 -3.41 -0.84
N ASN A 33 -8.05 -4.43 -0.25
CA ASN A 33 -8.77 -5.46 0.47
C ASN A 33 -9.24 -4.90 1.82
N PRO A 34 -10.57 -4.81 2.06
CA PRO A 34 -11.11 -4.20 3.26
C PRO A 34 -10.83 -5.03 4.52
N GLU A 35 -10.55 -6.34 4.37
CA GLU A 35 -10.18 -7.20 5.47
C GLU A 35 -8.84 -6.74 6.04
N LEU A 36 -7.91 -6.34 5.15
CA LEU A 36 -6.59 -5.86 5.54
C LEU A 36 -6.60 -4.38 5.93
N CYS A 37 -7.27 -3.51 5.15
CA CYS A 37 -7.40 -2.09 5.50
C CYS A 37 -8.88 -1.75 5.69
N PRO A 38 -9.41 -1.93 6.91
CA PRO A 38 -10.78 -1.56 7.23
C PRO A 38 -10.90 -0.04 7.42
N ASP A 1 10.13 2.05 5.82
CA ASP A 1 10.28 3.41 5.28
C ASP A 1 9.06 3.81 4.47
N LEU A 2 9.15 4.74 3.51
CA LEU A 2 7.99 5.35 2.84
C LEU A 2 6.99 4.29 2.36
N CYS A 3 7.50 3.27 1.68
CA CYS A 3 6.69 2.20 1.11
C CYS A 3 5.89 1.48 2.18
N GLU A 4 6.59 0.88 3.15
CA GLU A 4 6.01 0.30 4.34
C GLU A 4 4.95 1.24 4.92
N GLN A 5 5.34 2.49 5.20
CA GLN A 5 4.41 3.51 5.70
C GLN A 5 3.17 3.66 4.81
N SER A 6 3.27 3.52 3.49
CA SER A 6 2.10 3.51 2.62
C SER A 6 1.10 2.43 3.01
N ALA A 7 1.59 1.25 3.37
CA ALA A 7 0.71 0.17 3.81
C ALA A 7 0.19 0.53 5.20
N LEU A 8 1.12 0.88 6.08
CA LEU A 8 0.87 1.16 7.48
C LEU A 8 -0.27 2.18 7.66
N GLN A 9 -0.20 3.30 6.91
CA GLN A 9 -1.18 4.36 6.97
C GLN A 9 -2.34 4.15 5.99
N CYS A 10 -2.34 3.06 5.21
CA CYS A 10 -3.23 2.89 4.06
C CYS A 10 -3.21 4.15 3.19
N ASN A 11 -2.00 4.65 2.88
CA ASN A 11 -1.80 5.63 1.83
C ASN A 11 -1.75 4.89 0.49
N GLU A 12 -2.96 4.62 -0.02
CA GLU A 12 -3.25 4.09 -1.34
C GLU A 12 -2.36 4.74 -2.41
N GLN A 13 -2.21 6.06 -2.36
CA GLN A 13 -1.41 6.77 -3.35
C GLN A 13 0.03 6.31 -3.22
N GLY A 14 0.53 6.43 -1.99
CA GLY A 14 1.86 6.02 -1.59
C GLY A 14 2.18 4.61 -2.06
N CYS A 15 1.21 3.69 -2.01
CA CYS A 15 1.39 2.35 -2.57
C CYS A 15 1.85 2.36 -4.04
N HIS A 16 1.55 3.40 -4.81
CA HIS A 16 2.13 3.63 -6.14
C HIS A 16 3.33 4.58 -6.07
N ASN A 17 3.19 5.68 -5.33
CA ASN A 17 4.06 6.85 -5.43
C ASN A 17 5.36 6.61 -4.66
N PHE A 18 5.25 5.96 -3.50
CA PHE A 18 6.34 5.67 -2.59
C PHE A 18 6.84 4.24 -2.81
N CYS A 19 5.93 3.25 -2.82
CA CYS A 19 6.33 1.86 -3.02
C CYS A 19 6.77 1.62 -4.45
N SER A 20 7.72 0.70 -4.59
CA SER A 20 8.20 0.17 -5.85
C SER A 20 7.05 -0.55 -6.56
N PRO A 21 7.12 -0.72 -7.89
CA PRO A 21 6.07 -1.41 -8.64
C PRO A 21 5.80 -2.85 -8.15
N GLU A 22 6.76 -3.51 -7.50
CA GLU A 22 6.52 -4.86 -6.96
C GLU A 22 5.74 -4.74 -5.64
N ASP A 23 6.08 -3.74 -4.83
CA ASP A 23 5.41 -3.57 -3.55
C ASP A 23 4.01 -3.02 -3.81
N LYS A 24 3.81 -2.24 -4.87
CA LYS A 24 2.52 -1.70 -5.26
C LYS A 24 1.35 -2.68 -5.10
N PRO A 25 1.25 -3.79 -5.84
CA PRO A 25 0.18 -4.76 -5.64
C PRO A 25 0.22 -5.31 -4.21
N GLY A 26 1.41 -5.60 -3.69
CA GLY A 26 1.57 -6.00 -2.31
C GLY A 26 0.84 -5.05 -1.34
N CYS A 27 0.97 -3.75 -1.56
CA CYS A 27 0.55 -2.67 -0.68
C CYS A 27 -0.90 -2.34 -0.96
N LEU A 28 -1.17 -1.82 -2.15
CA LEU A 28 -2.51 -1.40 -2.56
C LEU A 28 -3.39 -2.62 -2.64
N GLY A 29 -2.95 -3.64 -3.35
CA GLY A 29 -3.71 -4.88 -3.44
C GLY A 29 -4.11 -5.42 -2.06
N MET A 30 -3.26 -5.26 -1.03
CA MET A 30 -3.68 -5.57 0.33
C MET A 30 -4.69 -4.54 0.85
N VAL A 31 -4.37 -3.25 0.79
CA VAL A 31 -5.24 -2.18 1.28
C VAL A 31 -6.66 -2.32 0.68
N TRP A 32 -6.76 -2.54 -0.64
CA TRP A 32 -8.00 -2.72 -1.38
C TRP A 32 -8.81 -3.91 -0.86
N ASN A 33 -8.18 -4.85 -0.16
CA ASN A 33 -8.90 -5.96 0.43
C ASN A 33 -9.58 -5.47 1.72
N PRO A 34 -10.93 -5.39 1.77
CA PRO A 34 -11.64 -4.95 2.96
C PRO A 34 -11.46 -5.91 4.14
N GLU A 35 -10.89 -7.10 3.93
CA GLU A 35 -10.41 -7.95 5.00
C GLU A 35 -9.29 -7.26 5.80
N LEU A 36 -8.41 -6.50 5.13
CA LEU A 36 -7.26 -5.88 5.78
C LEU A 36 -7.51 -4.40 6.10
N CYS A 37 -7.90 -3.57 5.12
CA CYS A 37 -8.06 -2.12 5.36
C CYS A 37 -9.38 -1.62 4.76
N PRO A 38 -10.49 -1.70 5.51
CA PRO A 38 -11.80 -1.31 5.01
C PRO A 38 -11.95 0.21 5.00
N ASP A 1 9.21 2.05 6.37
CA ASP A 1 9.56 3.29 5.67
C ASP A 1 8.38 3.67 4.77
N LEU A 2 8.51 4.71 3.95
CA LEU A 2 7.42 5.30 3.17
C LEU A 2 6.49 4.27 2.52
N CYS A 3 7.08 3.25 1.90
CA CYS A 3 6.32 2.15 1.29
C CYS A 3 5.43 1.42 2.31
N GLU A 4 6.08 0.87 3.33
CA GLU A 4 5.39 0.19 4.44
C GLU A 4 4.37 1.12 5.09
N GLN A 5 4.76 2.35 5.42
CA GLN A 5 3.84 3.38 5.83
C GLN A 5 2.65 3.48 4.88
N SER A 6 2.84 3.42 3.56
CA SER A 6 1.71 3.36 2.65
C SER A 6 0.74 2.23 2.95
N ALA A 7 1.23 1.06 3.33
CA ALA A 7 0.35 -0.05 3.68
C ALA A 7 -0.34 0.23 5.02
N LEU A 8 0.44 0.66 6.00
CA LEU A 8 0.05 0.81 7.39
C LEU A 8 -0.92 2.00 7.56
N GLN A 9 -0.60 3.15 6.96
CA GLN A 9 -1.43 4.35 6.95
C GLN A 9 -2.47 4.26 5.83
N CYS A 10 -2.31 3.32 4.90
CA CYS A 10 -3.37 2.87 4.02
C CYS A 10 -3.61 3.85 2.87
N ASN A 11 -2.57 4.03 2.04
CA ASN A 11 -2.49 5.07 1.03
C ASN A 11 -2.23 4.43 -0.33
N GLU A 12 -3.31 4.13 -1.06
CA GLU A 12 -3.26 3.68 -2.45
C GLU A 12 -2.24 4.50 -3.25
N GLN A 13 -2.22 5.82 -3.04
CA GLN A 13 -1.35 6.73 -3.78
C GLN A 13 0.10 6.36 -3.54
N GLY A 14 0.47 6.38 -2.28
CA GLY A 14 1.82 6.10 -1.82
C GLY A 14 2.23 4.66 -2.14
N CYS A 15 1.29 3.71 -2.13
CA CYS A 15 1.51 2.38 -2.71
C CYS A 15 1.99 2.46 -4.18
N HIS A 16 1.83 3.60 -4.85
CA HIS A 16 2.41 3.90 -6.16
C HIS A 16 3.62 4.82 -6.07
N ASN A 17 3.51 5.90 -5.30
CA ASN A 17 4.53 6.96 -5.22
C ASN A 17 5.71 6.50 -4.38
N PHE A 18 5.43 5.94 -3.21
CA PHE A 18 6.39 5.53 -2.20
C PHE A 18 6.86 4.10 -2.47
N CYS A 19 5.93 3.15 -2.64
CA CYS A 19 6.30 1.76 -2.89
C CYS A 19 6.80 1.60 -4.31
N SER A 20 7.82 0.74 -4.44
CA SER A 20 8.38 0.30 -5.71
C SER A 20 7.33 -0.50 -6.48
N PRO A 21 7.50 -0.71 -7.79
CA PRO A 21 6.52 -1.46 -8.58
C PRO A 21 6.27 -2.88 -8.08
N GLU A 22 7.22 -3.52 -7.37
CA GLU A 22 7.03 -4.88 -6.88
C GLU A 22 6.12 -4.85 -5.66
N ASP A 23 6.34 -3.86 -4.79
CA ASP A 23 5.52 -3.68 -3.61
C ASP A 23 4.16 -3.12 -4.01
N LYS A 24 4.06 -2.36 -5.12
CA LYS A 24 2.81 -1.76 -5.58
C LYS A 24 1.58 -2.69 -5.45
N PRO A 25 1.47 -3.79 -6.21
CA PRO A 25 0.30 -4.65 -6.12
C PRO A 25 0.17 -5.20 -4.71
N GLY A 26 1.29 -5.65 -4.14
CA GLY A 26 1.35 -6.15 -2.77
C GLY A 26 0.74 -5.18 -1.76
N CYS A 27 0.93 -3.87 -1.99
CA CYS A 27 0.59 -2.80 -1.08
C CYS A 27 -0.85 -2.36 -1.32
N LEU A 28 -1.12 -1.92 -2.56
CA LEU A 28 -2.43 -1.41 -2.95
C LEU A 28 -3.42 -2.53 -2.98
N GLY A 29 -3.11 -3.59 -3.70
CA GLY A 29 -3.99 -4.74 -3.78
C GLY A 29 -4.39 -5.21 -2.38
N MET A 30 -3.43 -5.19 -1.45
CA MET A 30 -3.69 -5.48 -0.05
C MET A 30 -4.59 -4.41 0.58
N VAL A 31 -4.19 -3.14 0.54
CA VAL A 31 -4.94 -2.01 1.09
C VAL A 31 -6.40 -2.03 0.60
N TRP A 32 -6.59 -2.34 -0.68
CA TRP A 32 -7.89 -2.39 -1.32
C TRP A 32 -8.74 -3.52 -0.73
N ASN A 33 -8.14 -4.51 -0.08
CA ASN A 33 -8.89 -5.51 0.67
C ASN A 33 -9.45 -4.87 1.94
N PRO A 34 -10.77 -4.62 2.05
CA PRO A 34 -11.35 -4.02 3.25
C PRO A 34 -11.05 -4.87 4.49
N GLU A 35 -10.86 -6.18 4.33
CA GLU A 35 -10.46 -7.06 5.42
C GLU A 35 -9.06 -6.72 5.98
N LEU A 36 -8.11 -6.22 5.18
CA LEU A 36 -6.74 -6.02 5.64
C LEU A 36 -6.57 -4.63 6.23
N CYS A 37 -6.97 -3.62 5.46
CA CYS A 37 -7.13 -2.25 5.93
C CYS A 37 -8.64 -1.89 6.03
N PRO A 38 -9.32 -2.26 7.13
CA PRO A 38 -10.69 -1.84 7.40
C PRO A 38 -10.74 -0.39 7.90
N ASP A 1 9.29 1.76 5.97
CA ASP A 1 9.78 3.01 5.38
C ASP A 1 8.67 3.64 4.53
N LEU A 2 8.96 4.55 3.60
CA LEU A 2 7.96 5.23 2.78
C LEU A 2 7.02 4.23 2.10
N CYS A 3 7.55 3.07 1.71
CA CYS A 3 6.72 2.01 1.19
C CYS A 3 5.78 1.48 2.28
N GLU A 4 6.31 0.78 3.27
CA GLU A 4 5.48 0.21 4.35
C GLU A 4 4.47 1.22 4.90
N GLN A 5 4.89 2.45 5.22
CA GLN A 5 3.95 3.45 5.73
C GLN A 5 2.76 3.63 4.80
N SER A 6 2.93 3.51 3.48
CA SER A 6 1.80 3.63 2.57
C SER A 6 0.78 2.51 2.77
N ALA A 7 1.22 1.33 3.21
CA ALA A 7 0.31 0.25 3.58
C ALA A 7 -0.27 0.52 4.97
N LEU A 8 0.61 0.77 5.93
CA LEU A 8 0.29 0.93 7.35
C LEU A 8 -0.69 2.11 7.55
N GLN A 9 -0.40 3.26 7.00
CA GLN A 9 -1.32 4.44 7.03
C GLN A 9 -2.35 4.33 5.90
N CYS A 10 -2.35 3.24 5.12
CA CYS A 10 -3.44 2.92 4.21
C CYS A 10 -3.59 4.01 3.14
N ASN A 11 -2.43 4.52 2.69
CA ASN A 11 -2.27 5.53 1.65
C ASN A 11 -2.11 4.83 0.30
N GLU A 12 -3.26 4.53 -0.31
CA GLU A 12 -3.37 4.02 -1.67
C GLU A 12 -2.37 4.71 -2.61
N GLN A 13 -2.34 6.06 -2.61
CA GLN A 13 -1.44 6.80 -3.48
C GLN A 13 -0.01 6.35 -3.24
N GLY A 14 0.41 6.47 -1.99
CA GLY A 14 1.71 6.06 -1.50
C GLY A 14 2.09 4.66 -1.98
N CYS A 15 1.14 3.71 -2.00
CA CYS A 15 1.40 2.38 -2.54
C CYS A 15 1.87 2.39 -4.00
N HIS A 16 1.55 3.43 -4.78
CA HIS A 16 2.14 3.64 -6.10
C HIS A 16 3.35 4.59 -6.03
N ASN A 17 3.26 5.62 -5.20
CA ASN A 17 4.17 6.77 -5.23
C ASN A 17 5.46 6.45 -4.48
N PHE A 18 5.31 5.86 -3.29
CA PHE A 18 6.38 5.54 -2.36
C PHE A 18 6.81 4.08 -2.54
N CYS A 19 5.87 3.12 -2.56
CA CYS A 19 6.24 1.73 -2.81
C CYS A 19 6.67 1.58 -4.27
N SER A 20 7.64 0.68 -4.48
CA SER A 20 8.16 0.32 -5.80
C SER A 20 7.10 -0.50 -6.56
N PRO A 21 7.25 -0.73 -7.87
CA PRO A 21 6.25 -1.46 -8.63
C PRO A 21 6.04 -2.89 -8.13
N GLU A 22 7.02 -3.48 -7.42
CA GLU A 22 6.89 -4.87 -6.96
C GLU A 22 6.03 -4.92 -5.73
N ASP A 23 6.22 -3.92 -4.86
CA ASP A 23 5.47 -3.82 -3.63
C ASP A 23 4.09 -3.24 -3.93
N LYS A 24 3.97 -2.39 -4.97
CA LYS A 24 2.71 -1.78 -5.41
C LYS A 24 1.49 -2.70 -5.24
N PRO A 25 1.38 -3.85 -5.94
CA PRO A 25 0.21 -4.71 -5.80
C PRO A 25 0.13 -5.27 -4.38
N GLY A 26 1.26 -5.72 -3.85
CA GLY A 26 1.37 -6.15 -2.46
C GLY A 26 0.81 -5.10 -1.49
N CYS A 27 1.00 -3.82 -1.76
CA CYS A 27 0.67 -2.75 -0.85
C CYS A 27 -0.79 -2.35 -1.08
N LEU A 28 -1.05 -1.86 -2.29
CA LEU A 28 -2.35 -1.35 -2.68
C LEU A 28 -3.32 -2.49 -2.79
N GLY A 29 -2.98 -3.51 -3.56
CA GLY A 29 -3.84 -4.67 -3.70
C GLY A 29 -4.23 -5.23 -2.34
N MET A 30 -3.31 -5.23 -1.36
CA MET A 30 -3.67 -5.57 0.01
C MET A 30 -4.58 -4.50 0.62
N VAL A 31 -4.17 -3.23 0.63
CA VAL A 31 -4.94 -2.15 1.21
C VAL A 31 -6.38 -2.13 0.68
N TRP A 32 -6.57 -2.30 -0.63
CA TRP A 32 -7.87 -2.37 -1.29
C TRP A 32 -8.71 -3.50 -0.70
N ASN A 33 -8.06 -4.56 -0.20
CA ASN A 33 -8.79 -5.64 0.43
C ASN A 33 -9.31 -5.20 1.81
N PRO A 34 -10.65 -5.15 1.99
CA PRO A 34 -11.25 -4.61 3.20
C PRO A 34 -10.97 -5.47 4.44
N GLU A 35 -10.57 -6.74 4.27
CA GLU A 35 -10.16 -7.57 5.39
C GLU A 35 -8.90 -6.98 6.02
N LEU A 36 -8.00 -6.41 5.21
CA LEU A 36 -6.69 -5.96 5.65
C LEU A 36 -6.72 -4.53 6.17
N CYS A 37 -7.22 -3.59 5.34
CA CYS A 37 -7.48 -2.19 5.70
C CYS A 37 -8.84 -1.74 5.13
N PRO A 38 -9.94 -1.82 5.91
CA PRO A 38 -11.26 -1.37 5.47
C PRO A 38 -11.37 0.16 5.54
N ASP A 1 9.08 1.59 5.85
CA ASP A 1 9.60 2.87 5.37
C ASP A 1 8.44 3.66 4.75
N LEU A 2 8.69 4.51 3.76
CA LEU A 2 7.62 5.19 3.03
C LEU A 2 6.70 4.19 2.35
N CYS A 3 7.25 3.09 1.84
CA CYS A 3 6.44 2.03 1.27
C CYS A 3 5.53 1.42 2.34
N GLU A 4 6.12 0.78 3.35
CA GLU A 4 5.31 0.17 4.40
C GLU A 4 4.34 1.18 5.02
N GLN A 5 4.78 2.40 5.36
CA GLN A 5 3.88 3.39 5.95
C GLN A 5 2.63 3.59 5.08
N SER A 6 2.79 3.52 3.75
CA SER A 6 1.69 3.56 2.80
C SER A 6 0.76 2.36 2.93
N ALA A 7 1.26 1.18 3.24
CA ALA A 7 0.40 0.03 3.44
C ALA A 7 -0.36 0.23 4.75
N LEU A 8 0.39 0.52 5.80
CA LEU A 8 -0.04 0.67 7.17
C LEU A 8 -1.14 1.73 7.27
N GLN A 9 -0.92 2.92 6.68
CA GLN A 9 -1.90 4.00 6.70
C GLN A 9 -2.80 3.96 5.46
N CYS A 10 -2.85 2.83 4.74
CA CYS A 10 -3.84 2.60 3.72
C CYS A 10 -3.74 3.65 2.59
N ASN A 11 -2.52 4.13 2.32
CA ASN A 11 -2.29 5.22 1.40
C ASN A 11 -2.11 4.62 0.01
N GLU A 12 -3.22 4.38 -0.66
CA GLU A 12 -3.27 4.02 -2.07
C GLU A 12 -2.24 4.84 -2.87
N GLN A 13 -2.12 6.13 -2.56
CA GLN A 13 -1.23 7.03 -3.27
C GLN A 13 0.18 6.49 -3.16
N GLY A 14 0.68 6.47 -1.94
CA GLY A 14 1.98 5.97 -1.56
C GLY A 14 2.22 4.56 -2.11
N CYS A 15 1.20 3.71 -2.13
CA CYS A 15 1.34 2.38 -2.71
C CYS A 15 1.78 2.42 -4.18
N HIS A 16 1.55 3.54 -4.88
CA HIS A 16 2.13 3.81 -6.19
C HIS A 16 3.37 4.71 -6.10
N ASN A 17 3.32 5.73 -5.24
CA ASN A 17 4.28 6.83 -5.20
C ASN A 17 5.54 6.46 -4.43
N PHE A 18 5.35 5.88 -3.24
CA PHE A 18 6.38 5.51 -2.29
C PHE A 18 6.83 4.07 -2.53
N CYS A 19 5.90 3.13 -2.60
CA CYS A 19 6.22 1.74 -2.89
C CYS A 19 6.66 1.59 -4.34
N SER A 20 7.63 0.70 -4.54
CA SER A 20 8.15 0.32 -5.84
C SER A 20 7.07 -0.45 -6.60
N PRO A 21 7.24 -0.67 -7.92
CA PRO A 21 6.28 -1.45 -8.69
C PRO A 21 6.10 -2.87 -8.15
N GLU A 22 7.07 -3.43 -7.42
CA GLU A 22 6.96 -4.82 -6.95
C GLU A 22 6.05 -4.85 -5.75
N ASP A 23 6.27 -3.90 -4.85
CA ASP A 23 5.51 -3.81 -3.63
C ASP A 23 4.16 -3.17 -3.92
N LYS A 24 4.02 -2.39 -4.99
CA LYS A 24 2.76 -1.80 -5.42
C LYS A 24 1.55 -2.73 -5.24
N PRO A 25 1.44 -3.88 -5.94
CA PRO A 25 0.31 -4.78 -5.75
C PRO A 25 0.27 -5.29 -4.32
N GLY A 26 1.42 -5.68 -3.78
CA GLY A 26 1.54 -6.11 -2.40
C GLY A 26 0.96 -5.08 -1.42
N CYS A 27 1.08 -3.80 -1.71
CA CYS A 27 0.68 -2.71 -0.85
C CYS A 27 -0.77 -2.42 -1.15
N LEU A 28 -1.03 -1.90 -2.35
CA LEU A 28 -2.32 -1.40 -2.76
C LEU A 28 -3.29 -2.53 -2.86
N GLY A 29 -2.94 -3.58 -3.58
CA GLY A 29 -3.78 -4.76 -3.69
C GLY A 29 -4.21 -5.25 -2.30
N MET A 30 -3.32 -5.16 -1.30
CA MET A 30 -3.67 -5.49 0.07
C MET A 30 -4.56 -4.39 0.69
N VAL A 31 -4.19 -3.11 0.55
CA VAL A 31 -4.97 -1.99 1.08
C VAL A 31 -6.41 -2.03 0.56
N TRP A 32 -6.57 -2.25 -0.74
CA TRP A 32 -7.84 -2.37 -1.43
C TRP A 32 -8.65 -3.54 -0.87
N ASN A 33 -8.01 -4.52 -0.21
CA ASN A 33 -8.73 -5.60 0.41
C ASN A 33 -9.34 -5.08 1.71
N PRO A 34 -10.68 -4.98 1.82
CA PRO A 34 -11.36 -4.36 2.95
C PRO A 34 -11.35 -5.30 4.17
N GLU A 35 -10.15 -5.63 4.64
CA GLU A 35 -9.84 -6.66 5.62
C GLU A 35 -8.50 -6.32 6.25
N LEU A 36 -7.49 -6.06 5.40
CA LEU A 36 -6.19 -5.57 5.82
C LEU A 36 -6.20 -4.07 6.03
N CYS A 37 -7.00 -3.33 5.26
CA CYS A 37 -7.29 -1.91 5.53
C CYS A 37 -8.80 -1.71 5.52
N PRO A 38 -9.49 -2.09 6.60
CA PRO A 38 -10.90 -1.82 6.78
C PRO A 38 -11.10 -0.40 7.30
N ASP A 1 9.50 1.53 5.95
CA ASP A 1 9.77 2.90 5.45
C ASP A 1 8.58 3.46 4.67
N LEU A 2 8.77 4.43 3.76
CA LEU A 2 7.70 5.13 3.07
C LEU A 2 6.67 4.16 2.46
N CYS A 3 7.18 3.14 1.77
CA CYS A 3 6.38 2.12 1.11
C CYS A 3 5.47 1.39 2.11
N GLU A 4 6.11 0.81 3.12
CA GLU A 4 5.43 0.19 4.26
C GLU A 4 4.40 1.15 4.82
N GLN A 5 4.80 2.39 5.15
CA GLN A 5 3.88 3.43 5.58
C GLN A 5 2.65 3.48 4.67
N SER A 6 2.78 3.52 3.35
CA SER A 6 1.59 3.50 2.50
C SER A 6 0.70 2.28 2.69
N ALA A 7 1.25 1.14 3.09
CA ALA A 7 0.48 -0.06 3.35
C ALA A 7 -0.24 0.09 4.69
N LEU A 8 0.53 0.46 5.71
CA LEU A 8 0.15 0.56 7.09
C LEU A 8 -0.90 1.67 7.28
N GLN A 9 -0.60 2.90 6.82
CA GLN A 9 -1.53 4.02 6.84
C GLN A 9 -2.55 3.95 5.70
N CYS A 10 -2.52 2.92 4.84
CA CYS A 10 -3.52 2.71 3.79
C CYS A 10 -3.61 3.89 2.84
N ASN A 11 -2.45 4.33 2.33
CA ASN A 11 -2.30 5.39 1.37
C ASN A 11 -2.10 4.77 -0.02
N GLU A 12 -3.20 4.56 -0.74
CA GLU A 12 -3.22 4.12 -2.13
C GLU A 12 -2.18 4.89 -2.97
N GLN A 13 -2.16 6.23 -2.83
CA GLN A 13 -1.25 7.07 -3.61
C GLN A 13 0.16 6.61 -3.34
N GLY A 14 0.53 6.65 -2.07
CA GLY A 14 1.83 6.22 -1.59
C GLY A 14 2.18 4.80 -2.07
N CYS A 15 1.22 3.89 -2.09
CA CYS A 15 1.42 2.55 -2.66
C CYS A 15 1.85 2.57 -4.15
N HIS A 16 1.66 3.68 -4.85
CA HIS A 16 2.22 3.95 -6.18
C HIS A 16 3.45 4.86 -6.12
N ASN A 17 3.41 5.91 -5.30
CA ASN A 17 4.40 6.99 -5.26
C ASN A 17 5.65 6.55 -4.50
N PHE A 18 5.43 5.98 -3.32
CA PHE A 18 6.46 5.56 -2.39
C PHE A 18 6.91 4.13 -2.70
N CYS A 19 5.96 3.20 -2.82
CA CYS A 19 6.32 1.82 -3.11
C CYS A 19 6.79 1.68 -4.55
N SER A 20 7.77 0.81 -4.75
CA SER A 20 8.26 0.40 -6.04
C SER A 20 7.22 -0.49 -6.71
N PRO A 21 7.30 -0.72 -8.03
CA PRO A 21 6.33 -1.54 -8.75
C PRO A 21 6.18 -2.96 -8.21
N GLU A 22 7.19 -3.52 -7.52
CA GLU A 22 7.09 -4.89 -6.99
C GLU A 22 6.20 -4.85 -5.75
N ASP A 23 6.43 -3.87 -4.90
CA ASP A 23 5.70 -3.72 -3.66
C ASP A 23 4.30 -3.20 -3.94
N LYS A 24 4.12 -2.39 -4.99
CA LYS A 24 2.83 -1.85 -5.42
C LYS A 24 1.63 -2.79 -5.20
N PRO A 25 1.52 -3.96 -5.86
CA PRO A 25 0.41 -4.87 -5.64
C PRO A 25 0.38 -5.33 -4.19
N GLY A 26 1.55 -5.67 -3.64
CA GLY A 26 1.68 -6.03 -2.23
C GLY A 26 1.07 -4.98 -1.30
N CYS A 27 1.21 -3.70 -1.63
CA CYS A 27 0.81 -2.57 -0.81
C CYS A 27 -0.64 -2.23 -1.09
N LEU A 28 -0.92 -1.83 -2.33
CA LEU A 28 -2.22 -1.35 -2.76
C LEU A 28 -3.21 -2.47 -2.85
N GLY A 29 -2.82 -3.55 -3.47
CA GLY A 29 -3.66 -4.75 -3.52
C GLY A 29 -4.07 -5.15 -2.09
N MET A 30 -3.13 -5.10 -1.16
CA MET A 30 -3.41 -5.35 0.25
C MET A 30 -4.37 -4.30 0.82
N VAL A 31 -4.01 -3.02 0.71
CA VAL A 31 -4.82 -1.90 1.19
C VAL A 31 -6.24 -2.00 0.63
N TRP A 32 -6.40 -2.41 -0.63
CA TRP A 32 -7.68 -2.49 -1.29
C TRP A 32 -8.52 -3.63 -0.71
N ASN A 33 -7.93 -4.55 0.06
CA ASN A 33 -8.70 -5.58 0.72
C ASN A 33 -9.31 -5.04 2.03
N PRO A 34 -10.64 -4.79 2.07
CA PRO A 34 -11.31 -4.26 3.26
C PRO A 34 -11.29 -5.25 4.42
N GLU A 35 -10.95 -6.51 4.15
CA GLU A 35 -10.66 -7.52 5.15
C GLU A 35 -9.46 -7.15 6.01
N LEU A 36 -8.44 -6.48 5.45
CA LEU A 36 -7.28 -6.03 6.24
C LEU A 36 -7.36 -4.55 6.58
N CYS A 37 -7.75 -3.68 5.63
CA CYS A 37 -7.89 -2.26 5.93
C CYS A 37 -9.35 -1.80 5.81
N PRO A 38 -10.15 -1.97 6.86
CA PRO A 38 -11.54 -1.54 6.88
C PRO A 38 -11.64 -0.03 7.07
N ASP A 1 9.62 1.78 5.87
CA ASP A 1 10.04 3.05 5.27
C ASP A 1 8.88 3.63 4.48
N LEU A 2 9.09 4.62 3.60
CA LEU A 2 7.96 5.30 2.95
C LEU A 2 6.98 4.29 2.35
N CYS A 3 7.54 3.25 1.72
CA CYS A 3 6.79 2.13 1.18
C CYS A 3 5.89 1.49 2.25
N GLU A 4 6.48 0.81 3.22
CA GLU A 4 5.73 0.20 4.33
C GLU A 4 4.70 1.19 4.89
N GLN A 5 5.15 2.39 5.27
CA GLN A 5 4.24 3.41 5.76
C GLN A 5 3.04 3.66 4.83
N SER A 6 3.19 3.53 3.50
CA SER A 6 2.02 3.66 2.63
C SER A 6 0.94 2.62 2.92
N ALA A 7 1.33 1.39 3.25
CA ALA A 7 0.38 0.38 3.67
C ALA A 7 -0.10 0.73 5.07
N LEU A 8 0.84 1.06 5.96
CA LEU A 8 0.60 1.21 7.38
C LEU A 8 -0.40 2.35 7.64
N GLN A 9 -0.25 3.47 6.93
CA GLN A 9 -1.17 4.60 6.98
C GLN A 9 -2.36 4.40 6.02
N CYS A 10 -2.46 3.25 5.34
CA CYS A 10 -3.51 2.95 4.38
C CYS A 10 -3.61 4.01 3.27
N ASN A 11 -2.43 4.51 2.85
CA ASN A 11 -2.27 5.46 1.77
C ASN A 11 -2.14 4.69 0.45
N GLU A 12 -3.30 4.40 -0.16
CA GLU A 12 -3.43 3.81 -1.48
C GLU A 12 -2.48 4.48 -2.48
N GLN A 13 -2.34 5.81 -2.44
CA GLN A 13 -1.52 6.54 -3.40
C GLN A 13 -0.07 6.19 -3.18
N GLY A 14 0.34 6.33 -1.92
CA GLY A 14 1.67 5.97 -1.44
C GLY A 14 2.08 4.57 -1.91
N CYS A 15 1.16 3.61 -1.92
CA CYS A 15 1.46 2.29 -2.48
C CYS A 15 1.95 2.35 -3.94
N HIS A 16 1.62 3.39 -4.69
CA HIS A 16 2.15 3.64 -6.03
C HIS A 16 3.32 4.62 -6.02
N ASN A 17 3.23 5.65 -5.17
CA ASN A 17 4.11 6.81 -5.19
C ASN A 17 5.40 6.51 -4.42
N PHE A 18 5.24 5.90 -3.23
CA PHE A 18 6.29 5.58 -2.29
C PHE A 18 6.79 4.14 -2.51
N CYS A 19 5.88 3.16 -2.57
CA CYS A 19 6.29 1.78 -2.83
C CYS A 19 6.69 1.61 -4.29
N SER A 20 7.67 0.74 -4.52
CA SER A 20 8.19 0.39 -5.83
C SER A 20 7.15 -0.42 -6.61
N PRO A 21 7.30 -0.60 -7.94
CA PRO A 21 6.31 -1.31 -8.73
C PRO A 21 6.08 -2.76 -8.31
N GLU A 22 7.08 -3.43 -7.72
CA GLU A 22 6.92 -4.80 -7.23
C GLU A 22 6.04 -4.84 -5.98
N ASP A 23 6.32 -3.93 -5.03
CA ASP A 23 5.53 -3.83 -3.82
C ASP A 23 4.15 -3.25 -4.09
N LYS A 24 3.99 -2.32 -5.04
CA LYS A 24 2.72 -1.72 -5.42
C LYS A 24 1.49 -2.64 -5.30
N PRO A 25 1.33 -3.71 -6.11
CA PRO A 25 0.18 -4.59 -6.01
C PRO A 25 0.13 -5.25 -4.64
N GLY A 26 1.28 -5.68 -4.12
CA GLY A 26 1.40 -6.23 -2.78
C GLY A 26 0.83 -5.29 -1.72
N CYS A 27 1.08 -3.99 -1.85
CA CYS A 27 0.76 -2.96 -0.89
C CYS A 27 -0.70 -2.54 -1.05
N LEU A 28 -1.02 -2.02 -2.23
CA LEU A 28 -2.34 -1.50 -2.55
C LEU A 28 -3.30 -2.65 -2.65
N GLY A 29 -2.99 -3.63 -3.46
CA GLY A 29 -3.82 -4.83 -3.60
C GLY A 29 -4.19 -5.41 -2.22
N MET A 30 -3.26 -5.41 -1.26
CA MET A 30 -3.61 -5.80 0.11
C MET A 30 -4.50 -4.74 0.76
N VAL A 31 -4.11 -3.47 0.79
CA VAL A 31 -4.89 -2.41 1.42
C VAL A 31 -6.35 -2.40 0.88
N TRP A 32 -6.52 -2.54 -0.43
CA TRP A 32 -7.80 -2.59 -1.12
C TRP A 32 -8.61 -3.80 -0.69
N ASN A 33 -7.98 -4.85 -0.13
CA ASN A 33 -8.71 -5.99 0.39
C ASN A 33 -9.54 -5.52 1.60
N PRO A 34 -10.88 -5.54 1.53
CA PRO A 34 -11.76 -4.93 2.54
C PRO A 34 -11.83 -5.75 3.85
N GLU A 35 -10.64 -5.93 4.46
CA GLU A 35 -10.32 -6.91 5.50
C GLU A 35 -9.07 -6.38 6.22
N LEU A 36 -8.02 -6.08 5.43
CA LEU A 36 -6.77 -5.50 5.91
C LEU A 36 -6.86 -3.97 6.09
N CYS A 37 -7.53 -3.24 5.20
CA CYS A 37 -7.94 -1.86 5.46
C CYS A 37 -9.38 -1.65 4.97
N PRO A 38 -10.39 -1.79 5.84
CA PRO A 38 -11.79 -1.56 5.49
C PRO A 38 -12.09 -0.06 5.46
N ASP A 1 9.69 2.19 5.78
CA ASP A 1 9.93 3.54 5.23
C ASP A 1 8.66 4.01 4.54
N LEU A 2 8.73 5.07 3.72
CA LEU A 2 7.58 5.65 3.02
C LEU A 2 6.68 4.56 2.41
N CYS A 3 7.31 3.53 1.82
CA CYS A 3 6.59 2.36 1.31
C CYS A 3 5.75 1.72 2.40
N GLU A 4 6.38 1.05 3.38
CA GLU A 4 5.67 0.46 4.50
C GLU A 4 4.64 1.43 5.09
N GLN A 5 5.05 2.68 5.36
CA GLN A 5 4.18 3.74 5.85
C GLN A 5 2.88 3.79 5.04
N SER A 6 2.95 3.60 3.73
CA SER A 6 1.78 3.47 2.85
C SER A 6 0.75 2.49 3.38
N ALA A 7 1.22 1.30 3.70
CA ALA A 7 0.36 0.22 4.18
C ALA A 7 -0.09 0.57 5.60
N LEU A 8 0.85 1.11 6.37
CA LEU A 8 0.64 1.44 7.77
C LEU A 8 -0.48 2.47 7.92
N GLN A 9 -0.44 3.52 7.11
CA GLN A 9 -1.42 4.60 7.11
C GLN A 9 -2.59 4.31 6.20
N CYS A 10 -2.51 3.31 5.32
CA CYS A 10 -3.51 3.10 4.28
C CYS A 10 -3.46 4.26 3.27
N ASN A 11 -2.25 4.78 3.02
CA ASN A 11 -2.04 5.71 1.93
C ASN A 11 -1.88 4.97 0.62
N GLU A 12 -3.02 4.52 0.08
CA GLU A 12 -3.22 3.91 -1.24
C GLU A 12 -2.34 4.57 -2.33
N GLN A 13 -2.12 5.88 -2.24
CA GLN A 13 -1.27 6.61 -3.18
C GLN A 13 0.15 6.10 -3.09
N GLY A 14 0.69 6.18 -1.88
CA GLY A 14 2.01 5.74 -1.48
C GLY A 14 2.34 4.36 -2.04
N CYS A 15 1.35 3.47 -2.10
CA CYS A 15 1.55 2.16 -2.70
C CYS A 15 2.09 2.24 -4.13
N HIS A 16 1.77 3.31 -4.86
CA HIS A 16 2.34 3.59 -6.18
C HIS A 16 3.49 4.60 -6.07
N ASN A 17 3.33 5.61 -5.22
CA ASN A 17 4.22 6.76 -5.16
C ASN A 17 5.55 6.40 -4.50
N PHE A 18 5.46 5.70 -3.36
CA PHE A 18 6.56 5.35 -2.48
C PHE A 18 6.98 3.89 -2.69
N CYS A 19 6.04 2.95 -2.62
CA CYS A 19 6.40 1.55 -2.87
C CYS A 19 6.78 1.40 -4.34
N SER A 20 7.66 0.43 -4.62
CA SER A 20 8.08 0.11 -5.97
C SER A 20 6.89 -0.50 -6.73
N PRO A 21 6.96 -0.61 -8.07
CA PRO A 21 5.93 -1.31 -8.82
C PRO A 21 5.76 -2.77 -8.37
N GLU A 22 6.78 -3.38 -7.73
CA GLU A 22 6.69 -4.78 -7.31
C GLU A 22 5.89 -4.84 -6.01
N ASP A 23 6.13 -3.86 -5.13
CA ASP A 23 5.41 -3.83 -3.87
C ASP A 23 4.00 -3.29 -4.09
N LYS A 24 3.81 -2.47 -5.13
CA LYS A 24 2.55 -1.84 -5.47
C LYS A 24 1.33 -2.77 -5.30
N PRO A 25 1.23 -3.93 -5.98
CA PRO A 25 0.13 -4.87 -5.78
C PRO A 25 0.12 -5.38 -4.34
N GLY A 26 1.29 -5.78 -3.83
CA GLY A 26 1.42 -6.18 -2.42
C GLY A 26 0.78 -5.17 -1.48
N CYS A 27 0.93 -3.89 -1.77
CA CYS A 27 0.55 -2.83 -0.85
C CYS A 27 -0.90 -2.48 -1.11
N LEU A 28 -1.16 -1.96 -2.32
CA LEU A 28 -2.47 -1.50 -2.74
C LEU A 28 -3.38 -2.69 -2.89
N GLY A 29 -2.96 -3.66 -3.68
CA GLY A 29 -3.75 -4.88 -3.87
C GLY A 29 -4.20 -5.47 -2.52
N MET A 30 -3.35 -5.41 -1.49
CA MET A 30 -3.75 -5.75 -0.14
C MET A 30 -4.72 -4.71 0.45
N VAL A 31 -4.37 -3.42 0.47
CA VAL A 31 -5.21 -2.34 0.98
C VAL A 31 -6.63 -2.39 0.39
N TRP A 32 -6.75 -2.65 -0.91
CA TRP A 32 -8.00 -2.81 -1.65
C TRP A 32 -8.83 -3.97 -1.12
N ASN A 33 -8.21 -5.03 -0.58
CA ASN A 33 -8.97 -6.08 0.09
C ASN A 33 -9.60 -5.52 1.37
N PRO A 34 -10.95 -5.42 1.46
CA PRO A 34 -11.61 -4.72 2.56
C PRO A 34 -11.69 -5.60 3.81
N GLU A 35 -10.51 -5.91 4.33
CA GLU A 35 -10.26 -6.94 5.33
C GLU A 35 -8.95 -6.58 6.04
N LEU A 36 -7.91 -6.38 5.22
CA LEU A 36 -6.59 -5.93 5.68
C LEU A 36 -6.53 -4.42 5.84
N CYS A 37 -7.24 -3.65 5.02
CA CYS A 37 -7.34 -2.19 5.25
C CYS A 37 -8.79 -1.73 5.08
N PRO A 38 -9.60 -1.75 6.15
CA PRO A 38 -11.00 -1.36 6.08
C PRO A 38 -11.14 0.16 6.08
N ASP A 1 9.42 2.52 6.18
CA ASP A 1 9.72 3.83 5.55
C ASP A 1 8.52 4.26 4.73
N LEU A 2 8.68 5.18 3.78
CA LEU A 2 7.60 5.67 2.95
C LEU A 2 6.82 4.52 2.30
N CYS A 3 7.52 3.45 1.90
CA CYS A 3 6.86 2.28 1.35
C CYS A 3 5.99 1.59 2.41
N GLU A 4 6.61 0.96 3.41
CA GLU A 4 5.88 0.28 4.48
C GLU A 4 4.73 1.15 5.01
N GLN A 5 5.03 2.41 5.38
CA GLN A 5 4.01 3.31 5.88
C GLN A 5 2.86 3.48 4.89
N SER A 6 3.07 3.35 3.58
CA SER A 6 1.95 3.45 2.65
C SER A 6 0.88 2.39 2.91
N ALA A 7 1.29 1.20 3.36
CA ALA A 7 0.33 0.20 3.81
C ALA A 7 -0.15 0.59 5.20
N LEU A 8 0.81 0.83 6.09
CA LEU A 8 0.57 1.06 7.51
C LEU A 8 -0.46 2.18 7.75
N GLN A 9 -0.31 3.31 7.06
CA GLN A 9 -1.22 4.46 7.12
C GLN A 9 -2.43 4.28 6.19
N CYS A 10 -2.43 3.24 5.33
CA CYS A 10 -3.51 2.97 4.38
C CYS A 10 -3.50 3.95 3.20
N ASN A 11 -2.32 4.43 2.81
CA ASN A 11 -2.16 5.35 1.70
C ASN A 11 -2.04 4.59 0.38
N GLU A 12 -3.20 4.25 -0.19
CA GLU A 12 -3.34 3.73 -1.55
C GLU A 12 -2.35 4.40 -2.50
N GLN A 13 -2.27 5.74 -2.50
CA GLN A 13 -1.40 6.46 -3.41
C GLN A 13 0.04 6.04 -3.19
N GLY A 14 0.45 6.17 -1.93
CA GLY A 14 1.79 5.84 -1.46
C GLY A 14 2.21 4.44 -1.91
N CYS A 15 1.30 3.49 -1.94
CA CYS A 15 1.61 2.15 -2.49
C CYS A 15 2.16 2.22 -3.93
N HIS A 16 1.84 3.27 -4.69
CA HIS A 16 2.41 3.53 -6.01
C HIS A 16 3.54 4.56 -5.96
N ASN A 17 3.35 5.61 -5.16
CA ASN A 17 4.25 6.77 -5.14
C ASN A 17 5.53 6.42 -4.38
N PHE A 18 5.35 5.80 -3.21
CA PHE A 18 6.39 5.49 -2.25
C PHE A 18 6.90 4.05 -2.44
N CYS A 19 6.00 3.05 -2.46
CA CYS A 19 6.44 1.68 -2.74
C CYS A 19 6.78 1.54 -4.22
N SER A 20 7.71 0.63 -4.52
CA SER A 20 8.11 0.31 -5.89
C SER A 20 6.98 -0.46 -6.59
N PRO A 21 6.98 -0.51 -7.94
CA PRO A 21 5.93 -1.16 -8.70
C PRO A 21 5.77 -2.65 -8.33
N GLU A 22 6.82 -3.28 -7.79
CA GLU A 22 6.77 -4.70 -7.44
C GLU A 22 5.94 -4.88 -6.17
N ASP A 23 6.14 -3.98 -5.21
CA ASP A 23 5.44 -4.02 -3.94
C ASP A 23 4.05 -3.43 -4.11
N LYS A 24 3.89 -2.44 -4.99
CA LYS A 24 2.62 -1.79 -5.33
C LYS A 24 1.39 -2.71 -5.27
N PRO A 25 1.30 -3.82 -6.03
CA PRO A 25 0.13 -4.69 -5.97
C PRO A 25 0.05 -5.36 -4.60
N GLY A 26 1.18 -5.83 -4.08
CA GLY A 26 1.26 -6.37 -2.73
C GLY A 26 0.73 -5.39 -1.68
N CYS A 27 0.94 -4.09 -1.87
CA CYS A 27 0.64 -3.06 -0.90
C CYS A 27 -0.81 -2.59 -1.09
N LEU A 28 -1.09 -2.04 -2.28
CA LEU A 28 -2.38 -1.49 -2.61
C LEU A 28 -3.36 -2.61 -2.79
N GLY A 29 -3.03 -3.58 -3.63
CA GLY A 29 -3.92 -4.72 -3.85
C GLY A 29 -4.35 -5.33 -2.51
N MET A 30 -3.44 -5.39 -1.53
CA MET A 30 -3.80 -5.78 -0.17
C MET A 30 -4.68 -4.71 0.50
N VAL A 31 -4.27 -3.45 0.53
CA VAL A 31 -5.04 -2.39 1.18
C VAL A 31 -6.47 -2.28 0.62
N TRP A 32 -6.65 -2.42 -0.69
CA TRP A 32 -7.94 -2.46 -1.35
C TRP A 32 -8.78 -3.64 -0.81
N ASN A 33 -8.16 -4.62 -0.15
CA ASN A 33 -8.89 -5.76 0.39
C ASN A 33 -9.57 -5.29 1.66
N PRO A 34 -10.91 -5.39 1.75
CA PRO A 34 -11.69 -4.87 2.87
C PRO A 34 -11.53 -5.73 4.14
N GLU A 35 -10.30 -5.84 4.63
CA GLU A 35 -9.83 -6.67 5.74
C GLU A 35 -8.53 -6.03 6.24
N LEU A 36 -7.57 -5.90 5.32
CA LEU A 36 -6.26 -5.30 5.53
C LEU A 36 -6.35 -3.77 5.45
N CYS A 37 -7.36 -3.23 4.76
CA CYS A 37 -7.79 -1.87 5.01
C CYS A 37 -9.31 -1.77 4.79
N PRO A 38 -10.10 -1.88 5.87
CA PRO A 38 -11.54 -1.69 5.82
C PRO A 38 -11.84 -0.21 6.05
#